data_9FZ1
#
_entry.id   9FZ1
#
_cell.length_a   90.642
_cell.length_b   90.642
_cell.length_c   277.711
_cell.angle_alpha   90.00
_cell.angle_beta   90.00
_cell.angle_gamma   90.00
#
_symmetry.space_group_name_H-M   'P 43 21 2'
#
loop_
_entity.id
_entity.type
_entity.pdbx_description
1 polymer UMG-SP3
2 non-polymer 'ACETATE ION'
3 non-polymer 4-[(4-aminophenyl)methyl]aniline
4 water water
#
_entity_poly.entity_id   1
_entity_poly.type   'polypeptide(L)'
_entity_poly.pdbx_seq_one_letter_code
;MSELSAIETAAAIAGGSMTALEACDAAIARIEQRDGPINAVVVRDFDRAREAAKAADGEVAAGVSKPLLGVPMTIKESID
IAGLPTSWGFAEHADHIATADSVVVSRLKAAGAVFLGKTNIPVALADWQSSNPNYGRTNNPHDLTRSAGGSSGGAAAALA
AGMVPLEYGSDIGGSIRVPAHFCGVWGLKTTFDAVSLEGHYLPRTDGARGELGVVGPMARNPQDLALALDLTSRIALPIA
RIDTLNGLRILLLTHHPRAAADSAVVAAVEKAAESCAAQGAQVSTSNADLPDLSKLVSDYTRMLLIVLAQGKAPEGTEPV
SLNAWYGMLDDQARTIRGFDRLFDSFDAIFCPVLGTSAFPHSDEADWGKRTLTIDGADTPFGSQLAWISMATYCGMPALS
MPVGTDANGLPIGLQIITRNWSDHDAVRIGALVADALAA
;
_entity_poly.pdbx_strand_id   A,B
#
# COMPACT_ATOMS: atom_id res chain seq x y z
N SER A 2 24.54 6.51 -15.68
CA SER A 2 23.78 5.63 -14.79
C SER A 2 24.63 4.97 -13.69
N GLU A 3 24.27 3.75 -13.31
CA GLU A 3 24.87 3.06 -12.19
C GLU A 3 25.70 1.88 -12.69
N LEU A 4 26.40 1.24 -11.76
CA LEU A 4 27.12 0.05 -12.12
C LEU A 4 26.12 -1.03 -12.51
N SER A 5 26.45 -1.73 -13.58
CA SER A 5 25.70 -2.91 -13.98
C SER A 5 26.07 -4.08 -13.07
N ALA A 6 25.34 -5.19 -13.24
CA ALA A 6 25.57 -6.32 -12.37
C ALA A 6 26.94 -6.91 -12.60
N ILE A 7 27.34 -7.02 -13.86
CA ILE A 7 28.66 -7.53 -14.20
C ILE A 7 29.72 -6.54 -13.74
N GLU A 8 29.49 -5.25 -13.93
CA GLU A 8 30.49 -4.29 -13.51
C GLU A 8 30.65 -4.30 -12.01
N THR A 9 29.53 -4.41 -11.29
CA THR A 9 29.61 -4.57 -9.84
C THR A 9 30.45 -5.79 -9.52
N ALA A 10 30.09 -6.95 -10.07
CA ALA A 10 30.85 -8.15 -9.81
C ALA A 10 32.34 -7.91 -10.01
N ALA A 11 32.70 -7.26 -11.12
CA ALA A 11 34.11 -7.13 -11.47
C ALA A 11 34.82 -6.12 -10.58
N ALA A 12 34.09 -5.10 -10.12
CA ALA A 12 34.63 -4.19 -9.11
C ALA A 12 34.94 -4.93 -7.81
N ILE A 13 34.03 -5.80 -7.39
CA ILE A 13 34.26 -6.56 -6.16
C ILE A 13 35.43 -7.51 -6.35
N ALA A 14 35.67 -7.96 -7.58
CA ALA A 14 36.72 -8.94 -7.86
C ALA A 14 38.08 -8.30 -8.17
N GLY A 15 38.14 -6.99 -8.36
CA GLY A 15 39.40 -6.32 -8.65
C GLY A 15 39.96 -5.59 -7.45
N GLY A 16 39.12 -5.43 -6.43
CA GLY A 16 39.42 -4.67 -5.24
C GLY A 16 38.67 -3.35 -5.11
N SER A 17 38.14 -2.80 -6.21
CA SER A 17 37.62 -1.42 -6.20
C SER A 17 36.61 -1.19 -5.08
N MET A 18 35.93 -2.24 -4.61
CA MET A 18 34.93 -2.13 -3.55
C MET A 18 34.63 -3.51 -2.99
N THR A 19 34.09 -3.54 -1.77
CA THR A 19 33.70 -4.78 -1.11
C THR A 19 32.22 -5.09 -1.37
N ALA A 20 31.87 -6.38 -1.29
CA ALA A 20 30.47 -6.75 -1.42
C ALA A 20 29.60 -5.97 -0.46
N LEU A 21 30.14 -5.68 0.75
CA LEU A 21 29.33 -5.06 1.79
C LEU A 21 29.15 -3.56 1.54
N GLU A 22 30.16 -2.91 0.95
CA GLU A 22 29.97 -1.55 0.43
C GLU A 22 28.98 -1.55 -0.73
N ALA A 23 29.07 -2.55 -1.62
CA ALA A 23 28.11 -2.67 -2.72
C ALA A 23 26.70 -2.83 -2.18
N CYS A 24 26.55 -3.74 -1.23
CA CYS A 24 25.25 -3.93 -0.60
C CYS A 24 24.79 -2.65 0.12
N ASP A 25 25.73 -1.92 0.75
CA ASP A 25 25.32 -0.70 1.44
C ASP A 25 25.02 0.43 0.48
N ALA A 26 25.66 0.44 -0.71
CA ALA A 26 25.35 1.49 -1.67
C ALA A 26 23.95 1.30 -2.23
N ALA A 27 23.63 0.05 -2.61
CA ALA A 27 22.28 -0.31 -3.04
C ALA A 27 21.26 0.08 -2.00
N ILE A 28 21.52 -0.27 -0.73
CA ILE A 28 20.60 0.12 0.35
C ILE A 28 20.44 1.62 0.36
N ALA A 29 21.53 2.35 0.10
CA ALA A 29 21.48 3.80 0.09
C ALA A 29 20.58 4.30 -1.01
N ARG A 30 20.69 3.71 -2.20
CA ARG A 30 19.89 4.20 -3.34
C ARG A 30 18.42 3.91 -3.11
N ILE A 31 18.12 2.77 -2.50
CA ILE A 31 16.75 2.39 -2.23
C ILE A 31 16.11 3.34 -1.22
N GLU A 32 16.81 3.62 -0.13
CA GLU A 32 16.23 4.49 0.87
C GLU A 32 16.10 5.90 0.33
N GLN A 33 17.11 6.37 -0.39
CA GLN A 33 17.05 7.74 -0.91
C GLN A 33 16.06 7.90 -2.05
N ARG A 34 15.72 6.82 -2.76
CA ARG A 34 14.96 6.94 -3.98
C ARG A 34 13.59 6.25 -3.97
N ASP A 35 13.32 5.33 -3.05
CA ASP A 35 12.10 4.56 -3.16
C ASP A 35 10.88 5.22 -2.53
N GLY A 36 11.01 6.34 -1.84
CA GLY A 36 9.90 6.97 -1.16
C GLY A 36 8.74 7.24 -2.09
N PRO A 37 8.97 7.97 -3.17
CA PRO A 37 7.88 8.24 -4.11
C PRO A 37 7.62 7.15 -5.11
N ILE A 38 8.44 6.10 -5.12
CA ILE A 38 8.35 5.07 -6.14
C ILE A 38 7.72 3.80 -5.58
N ASN A 39 8.12 3.41 -4.39
CA ASN A 39 7.54 2.25 -3.73
C ASN A 39 7.72 0.97 -4.52
N ALA A 40 8.96 0.70 -4.94
CA ALA A 40 9.24 -0.54 -5.68
C ALA A 40 9.74 -1.66 -4.79
N VAL A 41 10.54 -1.35 -3.77
CA VAL A 41 11.17 -2.38 -2.91
C VAL A 41 10.30 -2.45 -1.66
N VAL A 42 9.29 -3.33 -1.70
CA VAL A 42 8.28 -3.32 -0.65
C VAL A 42 8.53 -4.37 0.41
N VAL A 43 9.42 -5.32 0.14
CA VAL A 43 9.89 -6.30 1.11
C VAL A 43 11.39 -6.10 1.21
N ARG A 44 11.88 -5.80 2.40
CA ARG A 44 13.28 -5.44 2.59
C ARG A 44 13.90 -6.39 3.60
N ASP A 45 15.07 -6.91 3.26
CA ASP A 45 15.77 -7.91 4.05
C ASP A 45 17.19 -7.44 4.31
N PHE A 46 17.28 -6.17 4.74
CA PHE A 46 18.54 -5.45 4.69
C PHE A 46 19.55 -6.04 5.66
N ASP A 47 19.13 -6.39 6.88
CA ASP A 47 20.09 -6.91 7.85
C ASP A 47 20.70 -8.21 7.36
N ARG A 48 19.86 -9.19 7.03
CA ARG A 48 20.36 -10.45 6.49
C ARG A 48 21.17 -10.23 5.22
N ALA A 49 20.75 -9.26 4.40
CA ALA A 49 21.47 -8.96 3.17
C ALA A 49 22.91 -8.54 3.46
N ARG A 50 23.13 -7.73 4.51
CA ARG A 50 24.50 -7.28 4.79
C ARG A 50 25.31 -8.38 5.45
N GLU A 51 24.67 -9.29 6.20
CA GLU A 51 25.36 -10.49 6.67
C GLU A 51 25.89 -11.30 5.49
N ALA A 52 25.04 -11.58 4.51
CA ALA A 52 25.48 -12.38 3.37
C ALA A 52 26.48 -11.62 2.51
N ALA A 53 26.48 -10.30 2.61
CA ALA A 53 27.49 -9.49 1.92
C ALA A 53 28.86 -9.65 2.57
N LYS A 54 28.90 -9.58 3.91
CA LYS A 54 30.11 -9.92 4.67
C LYS A 54 30.56 -11.35 4.34
N ALA A 55 29.65 -12.30 4.43
CA ALA A 55 29.98 -13.66 4.02
C ALA A 55 30.57 -13.68 2.61
N ALA A 56 30.02 -12.90 1.69
CA ALA A 56 30.57 -12.85 0.35
C ALA A 56 32.00 -12.32 0.37
N ASP A 57 32.26 -11.33 1.22
CA ASP A 57 33.61 -10.78 1.34
C ASP A 57 34.56 -11.78 1.98
N GLY A 58 34.08 -12.65 2.86
CA GLY A 58 34.94 -13.70 3.38
C GLY A 58 35.42 -14.62 2.28
N GLU A 59 34.54 -14.91 1.31
CA GLU A 59 34.93 -15.73 0.18
C GLU A 59 35.98 -15.02 -0.68
N VAL A 60 35.74 -13.76 -1.04
CA VAL A 60 36.67 -13.08 -1.94
C VAL A 60 38.05 -13.03 -1.33
N ALA A 61 38.11 -12.74 -0.03
CA ALA A 61 39.35 -12.70 0.74
C ALA A 61 40.04 -14.06 0.80
N ALA A 62 39.36 -15.12 0.36
CA ALA A 62 39.90 -16.48 0.41
C ALA A 62 40.06 -17.06 -0.99
N GLY A 63 40.22 -16.21 -2.01
CA GLY A 63 40.48 -16.66 -3.37
C GLY A 63 39.27 -16.91 -4.23
N VAL A 64 38.07 -16.86 -3.67
CA VAL A 64 36.89 -17.32 -4.39
C VAL A 64 36.43 -16.25 -5.36
N SER A 65 35.97 -16.68 -6.53
CA SER A 65 35.28 -15.79 -7.45
C SER A 65 34.05 -16.50 -8.02
N LYS A 66 33.02 -15.71 -8.28
CA LYS A 66 31.76 -16.22 -8.81
C LYS A 66 31.16 -15.08 -9.62
N PRO A 67 30.39 -15.38 -10.66
CA PRO A 67 30.05 -14.33 -11.64
C PRO A 67 29.20 -13.19 -11.09
N LEU A 68 28.57 -13.37 -9.91
CA LEU A 68 27.76 -12.32 -9.31
C LEU A 68 28.12 -12.16 -7.83
N LEU A 69 29.37 -12.45 -7.46
CA LEU A 69 29.71 -12.57 -6.03
C LEU A 69 29.56 -11.22 -5.35
N GLY A 70 28.68 -11.16 -4.37
CA GLY A 70 28.42 -9.96 -3.62
C GLY A 70 27.55 -8.95 -4.31
N VAL A 71 27.11 -9.24 -5.54
CA VAL A 71 26.29 -8.29 -6.30
C VAL A 71 24.92 -8.18 -5.67
N PRO A 72 24.53 -7.01 -5.19
CA PRO A 72 23.18 -6.84 -4.65
C PRO A 72 22.14 -6.80 -5.74
N MET A 73 20.97 -7.32 -5.40
CA MET A 73 19.84 -7.39 -6.30
C MET A 73 18.61 -7.68 -5.45
N THR A 74 17.46 -7.49 -6.07
CA THR A 74 16.15 -7.80 -5.51
C THR A 74 15.49 -8.78 -6.48
N ILE A 75 14.34 -9.33 -6.09
CA ILE A 75 13.58 -10.20 -6.97
C ILE A 75 12.09 -9.95 -6.78
N LYS A 76 11.31 -10.34 -7.79
CA LYS A 76 9.86 -10.11 -7.74
C LYS A 76 9.21 -10.79 -6.54
N GLU A 77 8.25 -10.10 -5.92
CA GLU A 77 7.72 -10.57 -4.65
C GLU A 77 7.16 -11.97 -4.75
N SER A 78 6.72 -12.38 -5.93
CA SER A 78 6.05 -13.66 -6.08
C SER A 78 7.00 -14.83 -6.21
N ILE A 79 8.31 -14.60 -6.12
CA ILE A 79 9.33 -15.64 -6.14
C ILE A 79 9.84 -15.82 -4.70
N ASP A 80 9.88 -17.08 -4.24
CA ASP A 80 10.15 -17.39 -2.85
C ASP A 80 11.60 -17.08 -2.52
N ILE A 81 11.81 -16.42 -1.38
CA ILE A 81 13.09 -16.29 -0.70
C ILE A 81 12.85 -16.81 0.71
N ALA A 82 13.68 -17.73 1.17
CA ALA A 82 13.43 -18.33 2.48
C ALA A 82 13.44 -17.25 3.55
N GLY A 83 12.37 -17.24 4.35
CA GLY A 83 12.21 -16.26 5.42
C GLY A 83 11.51 -14.97 5.04
N LEU A 84 10.99 -14.86 3.83
CA LEU A 84 10.38 -13.62 3.39
C LEU A 84 8.97 -13.91 2.90
N PRO A 85 8.06 -13.00 3.10
CA PRO A 85 6.70 -13.22 2.61
C PRO A 85 6.72 -13.48 1.12
N THR A 86 5.78 -14.31 0.68
CA THR A 86 5.36 -14.41 -0.72
C THR A 86 3.84 -14.32 -0.62
N SER A 87 3.26 -13.16 -0.95
CA SER A 87 1.81 -12.98 -0.88
C SER A 87 1.13 -12.79 -2.21
N TRP A 88 1.85 -12.44 -3.27
CA TRP A 88 1.23 -12.12 -4.56
C TRP A 88 0.20 -10.99 -4.44
N GLY A 89 0.30 -10.20 -3.36
CA GLY A 89 -0.53 -9.03 -3.17
C GLY A 89 -1.82 -9.33 -2.44
N PHE A 90 -2.02 -10.57 -2.01
CA PHE A 90 -3.26 -11.00 -1.38
C PHE A 90 -3.23 -10.64 0.09
N ALA A 91 -4.22 -9.92 0.56
CA ALA A 91 -4.14 -9.59 1.98
C ALA A 91 -4.12 -10.85 2.84
N GLU A 92 -4.82 -11.92 2.40
CA GLU A 92 -4.87 -13.13 3.21
C GLU A 92 -3.50 -13.80 3.30
N HIS A 93 -2.57 -13.46 2.41
CA HIS A 93 -1.26 -14.09 2.40
C HIS A 93 -0.13 -13.12 2.76
N ALA A 94 -0.45 -11.96 3.37
CA ALA A 94 0.61 -11.02 3.74
C ALA A 94 1.68 -11.72 4.55
N ASP A 95 1.27 -12.60 5.46
CA ASP A 95 2.17 -13.26 6.40
C ASP A 95 2.49 -14.70 6.00
N HIS A 96 2.23 -15.08 4.74
CA HIS A 96 2.72 -16.35 4.23
C HIS A 96 4.22 -16.24 4.04
N ILE A 97 5.00 -16.93 4.85
CA ILE A 97 6.46 -16.83 4.81
C ILE A 97 7.02 -18.06 4.12
N ALA A 98 7.83 -17.85 3.09
CA ALA A 98 8.43 -18.98 2.41
C ALA A 98 9.51 -19.61 3.28
N THR A 99 9.53 -20.94 3.26
CA THR A 99 10.49 -21.79 3.95
C THR A 99 11.73 -22.07 3.12
N ALA A 100 11.61 -22.03 1.80
CA ALA A 100 12.68 -22.47 0.92
C ALA A 100 12.89 -21.46 -0.19
N ASP A 101 14.14 -21.20 -0.50
CA ASP A 101 14.46 -20.42 -1.67
C ASP A 101 13.82 -21.06 -2.90
N SER A 102 13.36 -20.23 -3.83
CA SER A 102 13.04 -20.71 -5.15
C SER A 102 14.30 -21.18 -5.87
N VAL A 103 14.09 -21.92 -6.95
CA VAL A 103 15.22 -22.43 -7.73
C VAL A 103 16.00 -21.26 -8.33
N VAL A 104 15.30 -20.29 -8.91
CA VAL A 104 15.98 -19.10 -9.43
C VAL A 104 16.83 -18.46 -8.35
N VAL A 105 16.30 -18.35 -7.14
CA VAL A 105 17.02 -17.65 -6.08
C VAL A 105 18.21 -18.49 -5.65
N SER A 106 17.97 -19.78 -5.42
CA SER A 106 19.05 -20.71 -5.14
C SER A 106 20.15 -20.66 -6.22
N ARG A 107 19.77 -20.59 -7.50
CA ARG A 107 20.76 -20.53 -8.56
C ARG A 107 21.58 -19.24 -8.52
N LEU A 108 20.93 -18.09 -8.34
CA LEU A 108 21.66 -16.82 -8.29
C LEU A 108 22.46 -16.70 -7.00
N LYS A 109 21.90 -17.15 -5.88
CA LYS A 109 22.69 -17.24 -4.66
C LYS A 109 23.93 -18.09 -4.86
N ALA A 110 23.81 -19.19 -5.61
CA ALA A 110 24.97 -20.05 -5.86
C ALA A 110 26.05 -19.31 -6.63
N ALA A 111 25.64 -18.38 -7.50
CA ALA A 111 26.54 -17.55 -8.27
C ALA A 111 27.04 -16.34 -7.49
N GLY A 112 26.76 -16.28 -6.19
CA GLY A 112 27.28 -15.23 -5.35
C GLY A 112 26.42 -14.01 -5.18
N ALA A 113 25.20 -14.00 -5.70
CA ALA A 113 24.42 -12.78 -5.57
C ALA A 113 23.86 -12.68 -4.16
N VAL A 114 23.48 -11.45 -3.81
CA VAL A 114 23.00 -11.09 -2.48
C VAL A 114 21.64 -10.43 -2.66
N PHE A 115 20.67 -10.86 -1.87
CA PHE A 115 19.28 -10.49 -2.10
C PHE A 115 18.85 -9.51 -1.02
N LEU A 116 18.65 -8.26 -1.44
CA LEU A 116 18.30 -7.20 -0.52
C LEU A 116 16.82 -7.20 -0.14
N GLY A 117 15.97 -7.72 -1.02
CA GLY A 117 14.53 -7.74 -0.76
C GLY A 117 13.77 -8.07 -2.02
N LYS A 118 12.50 -7.64 -2.06
CA LYS A 118 11.61 -8.05 -3.16
C LYS A 118 10.77 -6.87 -3.60
N THR A 119 10.26 -6.98 -4.82
CA THR A 119 9.65 -5.86 -5.49
C THR A 119 8.17 -6.10 -5.78
N ASN A 120 7.46 -4.98 -5.89
CA ASN A 120 6.02 -4.93 -5.79
C ASN A 120 5.36 -5.53 -7.00
N ILE A 121 4.11 -5.94 -6.78
CA ILE A 121 3.32 -6.74 -7.70
C ILE A 121 1.85 -6.33 -7.55
N PRO A 122 1.02 -6.51 -8.55
CA PRO A 122 -0.41 -6.32 -8.38
C PRO A 122 -1.07 -7.55 -7.81
N VAL A 123 -2.30 -7.36 -7.34
CA VAL A 123 -2.98 -8.47 -6.67
C VAL A 123 -3.14 -9.63 -7.63
N ALA A 124 -2.74 -10.82 -7.21
CA ALA A 124 -2.85 -12.02 -8.04
C ALA A 124 -1.99 -11.96 -9.30
N LEU A 125 -1.01 -11.07 -9.34
CA LEU A 125 -0.17 -10.85 -10.53
C LEU A 125 -1.00 -10.62 -11.79
N ALA A 126 -2.15 -9.97 -11.64
CA ALA A 126 -3.16 -9.88 -12.69
C ALA A 126 -3.42 -8.45 -13.15
N ASP A 127 -2.36 -7.65 -13.30
CA ASP A 127 -2.55 -6.31 -13.85
C ASP A 127 -1.26 -5.83 -14.52
N TRP A 128 -1.41 -4.85 -15.41
CA TRP A 128 -0.29 -4.09 -15.93
C TRP A 128 0.01 -2.86 -15.05
N GLN A 129 -0.25 -2.98 -13.75
CA GLN A 129 0.11 -2.02 -12.73
C GLN A 129 0.65 -2.84 -11.57
N SER A 130 1.23 -2.19 -10.57
CA SER A 130 1.68 -2.91 -9.37
C SER A 130 1.13 -2.22 -8.13
N SER A 131 0.01 -2.75 -7.63
CA SER A 131 -0.69 -2.13 -6.51
C SER A 131 -1.41 -3.23 -5.75
N ASN A 132 -1.43 -3.13 -4.42
CA ASN A 132 -2.08 -4.15 -3.61
C ASN A 132 -2.23 -3.63 -2.20
N PRO A 133 -3.11 -4.26 -1.42
CA PRO A 133 -3.34 -3.78 -0.04
C PRO A 133 -2.19 -4.04 0.92
N ASN A 134 -1.23 -4.92 0.60
CA ASN A 134 -0.18 -5.19 1.58
C ASN A 134 0.90 -4.13 1.56
N TYR A 135 1.23 -3.66 0.37
CA TYR A 135 2.38 -2.83 0.14
C TYR A 135 2.06 -1.47 -0.47
N GLY A 136 0.88 -1.31 -1.05
CA GLY A 136 0.57 -0.12 -1.79
C GLY A 136 1.01 -0.24 -3.24
N ARG A 137 1.15 0.95 -3.87
CA ARG A 137 1.29 1.10 -5.31
C ARG A 137 2.67 1.62 -5.69
N THR A 138 3.19 1.07 -6.80
CA THR A 138 4.48 1.43 -7.37
C THR A 138 4.29 2.44 -8.48
N ASN A 139 5.12 3.47 -8.49
CA ASN A 139 4.96 4.55 -9.44
C ASN A 139 6.10 4.55 -10.43
N ASN A 140 5.79 4.85 -11.68
CA ASN A 140 6.78 4.82 -12.75
C ASN A 140 7.84 5.87 -12.46
N PRO A 141 9.12 5.50 -12.32
CA PRO A 141 10.14 6.52 -12.05
C PRO A 141 10.19 7.63 -13.09
N HIS A 142 9.83 7.36 -14.34
CA HIS A 142 9.82 8.37 -15.39
C HIS A 142 8.67 9.34 -15.29
N ASP A 143 7.58 8.95 -14.64
CA ASP A 143 6.45 9.85 -14.43
C ASP A 143 5.61 9.24 -13.33
N LEU A 144 5.67 9.83 -12.14
CA LEU A 144 5.05 9.17 -10.99
C LEU A 144 3.54 9.10 -11.10
N THR A 145 2.94 9.81 -12.05
CA THR A 145 1.51 9.69 -12.26
C THR A 145 1.13 8.51 -13.15
N ARG A 146 2.10 7.69 -13.57
CA ARG A 146 1.83 6.61 -14.49
C ARG A 146 2.16 5.26 -13.88
N SER A 147 1.55 4.23 -14.46
CA SER A 147 1.77 2.87 -14.03
C SER A 147 3.22 2.46 -14.21
N ALA A 148 3.75 1.72 -13.22
CA ALA A 148 5.05 1.11 -13.41
C ALA A 148 4.97 -0.17 -14.23
N GLY A 149 3.76 -0.49 -14.73
CA GLY A 149 3.53 -1.78 -15.37
C GLY A 149 3.28 -2.84 -14.31
N GLY A 150 3.00 -4.04 -14.79
CA GLY A 150 2.77 -5.19 -13.94
C GLY A 150 2.77 -6.42 -14.80
N SER A 151 2.83 -7.59 -14.16
CA SER A 151 2.87 -7.76 -12.73
C SER A 151 4.26 -7.58 -12.14
N SER A 152 5.28 -7.50 -13.00
CA SER A 152 6.65 -7.31 -12.51
C SER A 152 7.01 -5.84 -12.46
N GLY A 153 6.14 -5.04 -11.87
CA GLY A 153 6.26 -3.59 -12.00
C GLY A 153 7.32 -3.01 -11.09
N GLY A 154 7.37 -3.49 -9.86
CA GLY A 154 8.38 -2.98 -8.96
C GLY A 154 9.77 -3.33 -9.42
N ALA A 155 9.95 -4.55 -9.96
CA ALA A 155 11.22 -4.95 -10.54
C ALA A 155 11.70 -3.92 -11.56
N ALA A 156 10.84 -3.59 -12.51
CA ALA A 156 11.21 -2.67 -13.58
C ALA A 156 11.49 -1.28 -13.02
N ALA A 157 10.70 -0.84 -12.04
CA ALA A 157 10.90 0.49 -11.46
C ALA A 157 12.20 0.57 -10.66
N ALA A 158 12.51 -0.46 -9.87
CA ALA A 158 13.79 -0.48 -9.17
C ALA A 158 14.96 -0.41 -10.14
N LEU A 159 14.84 -1.11 -11.26
CA LEU A 159 15.91 -1.06 -12.25
C LEU A 159 16.01 0.32 -12.85
N ALA A 160 14.87 0.88 -13.28
CA ALA A 160 14.90 2.16 -13.96
C ALA A 160 15.45 3.26 -13.07
N ALA A 161 15.25 3.16 -11.76
CA ALA A 161 15.66 4.19 -10.84
C ALA A 161 17.07 3.95 -10.33
N GLY A 162 17.74 2.93 -10.85
CA GLY A 162 19.14 2.70 -10.52
C GLY A 162 19.39 2.03 -9.19
N MET A 163 18.37 1.50 -8.54
CA MET A 163 18.55 0.99 -7.20
C MET A 163 19.40 -0.26 -7.18
N VAL A 164 19.06 -1.24 -8.01
CA VAL A 164 19.82 -2.48 -8.16
C VAL A 164 20.08 -2.74 -9.64
N PRO A 165 21.16 -3.44 -9.98
CA PRO A 165 21.46 -3.73 -11.38
C PRO A 165 20.75 -4.93 -11.93
N LEU A 166 20.10 -5.75 -11.11
CA LEU A 166 19.54 -6.99 -11.65
C LEU A 166 18.24 -7.31 -10.94
N GLU A 167 17.34 -7.96 -11.68
CA GLU A 167 16.06 -8.39 -11.14
C GLU A 167 15.64 -9.64 -11.89
N TYR A 168 14.52 -10.19 -11.48
CA TYR A 168 14.01 -11.40 -12.09
C TYR A 168 12.49 -11.38 -11.89
N GLY A 169 11.75 -11.56 -12.97
CA GLY A 169 10.32 -11.45 -13.00
C GLY A 169 9.61 -12.67 -13.56
N SER A 170 8.32 -12.51 -13.84
CA SER A 170 7.49 -13.58 -14.38
C SER A 170 6.45 -12.98 -15.33
N ASP A 171 6.00 -13.81 -16.26
CA ASP A 171 5.22 -13.33 -17.41
C ASP A 171 4.26 -14.44 -17.83
N ILE A 172 2.96 -14.23 -17.60
CA ILE A 172 1.93 -15.04 -18.24
C ILE A 172 1.00 -14.20 -19.12
N GLY A 173 1.02 -12.88 -18.97
CA GLY A 173 0.24 -12.02 -19.82
C GLY A 173 1.02 -10.76 -20.12
N GLY A 174 2.34 -10.90 -20.33
CA GLY A 174 3.20 -9.78 -20.68
C GLY A 174 3.85 -9.10 -19.51
N SER A 175 3.93 -9.75 -18.35
CA SER A 175 4.30 -9.15 -17.07
C SER A 175 5.79 -8.95 -16.87
N ILE A 176 6.63 -9.40 -17.82
CA ILE A 176 8.02 -8.97 -17.88
C ILE A 176 8.18 -7.89 -18.93
N ARG A 177 7.61 -8.12 -20.11
CA ARG A 177 7.81 -7.21 -21.22
C ARG A 177 7.15 -5.87 -20.98
N VAL A 178 5.90 -5.90 -20.51
CA VAL A 178 5.15 -4.66 -20.32
C VAL A 178 5.80 -3.74 -19.29
N PRO A 179 6.13 -4.18 -18.09
CA PRO A 179 6.82 -3.23 -17.19
C PRO A 179 8.20 -2.78 -17.70
N ALA A 180 8.96 -3.67 -18.36
CA ALA A 180 10.23 -3.20 -18.93
C ALA A 180 9.95 -2.12 -19.98
N HIS A 181 8.94 -2.33 -20.79
CA HIS A 181 8.53 -1.37 -21.80
C HIS A 181 8.16 -0.04 -21.17
N PHE A 182 7.30 -0.07 -20.12
CA PHE A 182 6.79 1.14 -19.48
C PHE A 182 7.90 1.93 -18.79
N CYS A 183 8.84 1.23 -18.15
CA CYS A 183 9.88 1.85 -17.33
C CYS A 183 11.19 2.04 -18.07
N GLY A 184 11.28 1.60 -19.32
CA GLY A 184 12.49 1.88 -20.07
C GLY A 184 13.68 1.04 -19.64
N VAL A 185 13.46 -0.23 -19.33
CA VAL A 185 14.57 -1.14 -19.07
C VAL A 185 14.34 -2.39 -19.91
N TRP A 186 15.14 -3.43 -19.65
CA TRP A 186 15.26 -4.61 -20.49
C TRP A 186 14.65 -5.78 -19.75
N GLY A 187 13.81 -6.54 -20.43
CA GLY A 187 13.16 -7.67 -19.81
C GLY A 187 13.00 -8.82 -20.78
N LEU A 188 13.42 -10.01 -20.38
CA LEU A 188 13.46 -11.16 -21.27
C LEU A 188 12.43 -12.18 -20.79
N LYS A 189 11.34 -12.30 -21.55
CA LYS A 189 10.42 -13.43 -21.44
C LYS A 189 11.10 -14.62 -22.08
N THR A 190 11.33 -15.67 -21.33
CA THR A 190 12.15 -16.77 -21.82
C THR A 190 11.29 -17.86 -22.49
N THR A 191 11.96 -18.72 -23.25
CA THR A 191 11.28 -19.86 -23.86
C THR A 191 10.53 -20.63 -22.79
N PHE A 192 9.30 -21.01 -23.12
CA PHE A 192 8.50 -21.77 -22.18
C PHE A 192 9.24 -23.03 -21.75
N ASP A 193 9.26 -23.25 -20.44
CA ASP A 193 9.86 -24.39 -19.75
C ASP A 193 11.38 -24.31 -19.73
N ALA A 194 11.99 -23.18 -20.09
CA ALA A 194 13.44 -23.13 -20.07
C ALA A 194 14.04 -22.85 -18.69
N VAL A 195 13.28 -22.19 -17.81
CA VAL A 195 13.71 -21.83 -16.46
C VAL A 195 12.68 -22.37 -15.47
N SER A 196 13.15 -22.95 -14.37
CA SER A 196 12.26 -23.58 -13.40
C SER A 196 11.38 -22.55 -12.68
N LEU A 197 10.10 -22.88 -12.54
CA LEU A 197 9.15 -22.07 -11.80
C LEU A 197 8.96 -22.56 -10.38
N GLU A 198 9.85 -23.46 -9.91
CA GLU A 198 9.79 -23.98 -8.56
C GLU A 198 10.15 -22.87 -7.58
N GLY A 199 9.18 -22.51 -6.75
CA GLY A 199 9.29 -21.33 -5.90
C GLY A 199 8.47 -20.16 -6.38
N HIS A 200 7.95 -20.24 -7.60
CA HIS A 200 6.94 -19.29 -8.09
C HIS A 200 5.59 -19.98 -7.89
N TYR A 201 5.15 -19.98 -6.65
CA TYR A 201 3.99 -20.74 -6.19
C TYR A 201 2.88 -19.81 -5.72
N LEU A 202 1.67 -20.06 -6.18
CA LEU A 202 0.53 -19.43 -5.54
C LEU A 202 0.66 -19.64 -4.03
N PRO A 203 0.48 -18.61 -3.22
CA PRO A 203 0.87 -18.74 -1.81
C PRO A 203 0.19 -19.91 -1.12
N ARG A 204 1.00 -20.64 -0.33
CA ARG A 204 0.60 -21.79 0.45
C ARG A 204 0.39 -22.98 -0.44
N THR A 205 0.75 -22.91 -1.71
CA THR A 205 0.76 -24.07 -2.58
C THR A 205 2.20 -24.42 -2.95
N ASP A 206 2.35 -25.55 -3.66
CA ASP A 206 3.67 -26.12 -3.90
C ASP A 206 3.61 -27.14 -5.02
N GLY A 207 2.94 -26.78 -6.11
CA GLY A 207 2.73 -27.75 -7.15
C GLY A 207 3.50 -27.59 -8.44
N ALA A 208 2.83 -28.04 -9.51
CA ALA A 208 3.36 -28.02 -10.85
C ALA A 208 3.18 -26.64 -11.48
N ARG A 209 4.18 -26.27 -12.29
CA ARG A 209 4.06 -25.10 -13.15
C ARG A 209 2.88 -25.25 -14.12
N GLY A 210 2.22 -24.14 -14.43
CA GLY A 210 1.13 -24.16 -15.38
C GLY A 210 1.64 -24.00 -16.80
N GLU A 211 0.73 -24.12 -17.76
CA GLU A 211 1.08 -23.70 -19.09
C GLU A 211 1.26 -22.18 -19.12
N LEU A 212 1.85 -21.72 -20.23
CA LEU A 212 1.94 -20.32 -20.60
C LEU A 212 3.03 -19.55 -19.85
N GLY A 213 3.03 -19.61 -18.52
CA GLY A 213 3.86 -18.71 -17.75
C GLY A 213 5.32 -19.11 -17.73
N VAL A 214 6.18 -18.10 -17.53
CA VAL A 214 7.62 -18.25 -17.45
C VAL A 214 8.20 -17.28 -16.43
N VAL A 215 9.42 -17.54 -16.01
CA VAL A 215 10.23 -16.55 -15.30
C VAL A 215 11.37 -16.18 -16.20
N GLY A 216 11.85 -14.93 -16.08
CA GLY A 216 13.00 -14.49 -16.83
C GLY A 216 13.57 -13.24 -16.21
N PRO A 217 14.78 -12.88 -16.62
CA PRO A 217 15.50 -11.78 -15.96
C PRO A 217 15.13 -10.41 -16.50
N MET A 218 15.49 -9.40 -15.70
CA MET A 218 15.24 -8.00 -16.02
C MET A 218 16.47 -7.23 -15.63
N ALA A 219 16.84 -6.23 -16.43
CA ALA A 219 18.08 -5.51 -16.18
C ALA A 219 18.07 -4.21 -16.97
N ARG A 220 19.17 -3.49 -16.87
CA ARG A 220 19.34 -2.26 -17.62
C ARG A 220 20.08 -2.48 -18.93
N ASN A 221 20.51 -3.70 -19.23
CA ASN A 221 21.36 -3.90 -20.40
C ASN A 221 21.31 -5.37 -20.78
N PRO A 222 21.58 -5.69 -22.07
CA PRO A 222 21.49 -7.10 -22.52
C PRO A 222 22.59 -8.01 -21.98
N GLN A 223 23.75 -7.47 -21.63
CA GLN A 223 24.81 -8.31 -21.12
C GLN A 223 24.42 -8.92 -19.79
N ASP A 224 23.77 -8.14 -18.92
CA ASP A 224 23.33 -8.69 -17.64
C ASP A 224 22.25 -9.74 -17.86
N LEU A 225 21.35 -9.52 -18.82
CA LEU A 225 20.30 -10.50 -19.07
C LEU A 225 20.90 -11.83 -19.48
N ALA A 226 21.86 -11.79 -20.40
CA ALA A 226 22.45 -13.02 -20.90
C ALA A 226 23.14 -13.76 -19.77
N LEU A 227 23.85 -13.03 -18.92
CA LEU A 227 24.51 -13.71 -17.81
C LEU A 227 23.49 -14.27 -16.84
N ALA A 228 22.45 -13.50 -16.50
CA ALA A 228 21.47 -14.02 -15.56
C ALA A 228 20.77 -15.27 -16.11
N LEU A 229 20.59 -15.32 -17.44
CA LEU A 229 19.98 -16.48 -18.07
C LEU A 229 20.86 -17.72 -17.93
N ASP A 230 22.14 -17.62 -18.24
CA ASP A 230 23.01 -18.79 -18.13
C ASP A 230 23.06 -19.30 -16.70
N LEU A 231 22.95 -18.39 -15.73
CA LEU A 231 23.02 -18.81 -14.34
C LEU A 231 21.73 -19.48 -13.86
N THR A 232 20.59 -19.25 -14.55
CA THR A 232 19.32 -19.77 -14.07
C THR A 232 18.60 -20.82 -14.94
N SER A 233 18.94 -20.99 -16.22
CA SER A 233 18.19 -21.94 -17.04
C SER A 233 18.36 -23.36 -16.50
N ARG A 234 17.38 -24.23 -16.79
CA ARG A 234 17.45 -25.62 -16.38
C ARG A 234 18.75 -26.27 -16.85
N ILE A 235 19.03 -26.13 -18.14
CA ILE A 235 20.28 -26.53 -18.72
C ILE A 235 20.79 -25.36 -19.54
N ALA A 236 22.02 -25.50 -20.01
CA ALA A 236 22.64 -24.43 -20.78
C ALA A 236 21.95 -24.37 -22.14
N LEU A 237 21.56 -23.19 -22.50
CA LEU A 237 20.83 -22.93 -23.70
C LEU A 237 21.78 -22.63 -24.86
N PRO A 238 21.28 -22.77 -26.09
CA PRO A 238 22.14 -22.52 -27.24
C PRO A 238 22.63 -21.08 -27.20
N ILE A 239 23.92 -20.91 -27.42
CA ILE A 239 24.55 -19.61 -27.45
C ILE A 239 24.10 -18.83 -28.67
N ALA A 240 24.42 -17.53 -28.70
CA ALA A 240 23.93 -16.68 -29.78
C ALA A 240 24.64 -17.01 -31.10
N ARG A 241 23.84 -17.33 -32.13
CA ARG A 241 24.35 -17.52 -33.49
C ARG A 241 24.54 -16.20 -34.24
N ILE A 242 23.87 -15.12 -33.82
CA ILE A 242 23.90 -13.83 -34.52
C ILE A 242 25.09 -13.02 -34.02
N ASP A 243 25.89 -12.49 -34.93
CA ASP A 243 26.93 -11.54 -34.51
C ASP A 243 26.93 -10.27 -35.35
N THR A 244 25.94 -10.08 -36.22
CA THR A 244 25.79 -8.83 -36.95
C THR A 244 24.38 -8.71 -37.52
N LEU A 245 23.92 -7.47 -37.65
CA LEU A 245 22.61 -7.20 -38.25
C LEU A 245 22.62 -7.35 -39.77
N ASN A 246 23.79 -7.52 -40.37
CA ASN A 246 23.91 -7.60 -41.83
C ASN A 246 23.31 -8.91 -42.30
N GLY A 247 22.30 -8.85 -43.14
CA GLY A 247 21.60 -10.04 -43.57
C GLY A 247 20.61 -10.60 -42.58
N LEU A 248 20.57 -10.11 -41.35
CA LEU A 248 19.54 -10.54 -40.42
C LEU A 248 18.15 -10.37 -41.05
N ARG A 249 17.33 -11.39 -40.90
CA ARG A 249 15.99 -11.42 -41.49
C ARG A 249 14.96 -11.01 -40.45
N ILE A 250 14.25 -9.89 -40.68
CA ILE A 250 13.35 -9.33 -39.70
C ILE A 250 11.94 -9.23 -40.28
N LEU A 251 10.96 -9.72 -39.52
CA LEU A 251 9.55 -9.57 -39.83
C LEU A 251 9.05 -8.44 -38.95
N LEU A 252 8.71 -7.32 -39.56
CA LEU A 252 8.27 -6.15 -38.83
C LEU A 252 6.75 -6.12 -38.81
N LEU A 253 6.16 -6.20 -37.62
CA LEU A 253 4.71 -6.14 -37.43
C LEU A 253 4.35 -4.93 -36.60
N THR A 254 3.81 -3.89 -37.24
CA THR A 254 3.29 -2.73 -36.55
C THR A 254 1.76 -2.69 -36.51
N HIS A 255 1.08 -3.59 -37.23
N HIS A 255 1.08 -3.64 -37.15
CA HIS A 255 -0.36 -3.81 -37.16
CA HIS A 255 -0.39 -3.69 -37.12
C HIS A 255 -0.64 -5.09 -36.40
C HIS A 255 -0.83 -5.09 -36.67
N HIS A 256 -1.79 -5.13 -35.75
CA HIS A 256 -2.34 -6.38 -35.23
C HIS A 256 -3.85 -6.35 -35.47
N PRO A 257 -4.43 -7.42 -36.03
CA PRO A 257 -5.88 -7.43 -36.27
C PRO A 257 -6.71 -7.26 -35.01
N ARG A 258 -6.14 -7.44 -33.82
CA ARG A 258 -6.92 -7.43 -32.62
C ARG A 258 -6.53 -6.31 -31.67
N ALA A 259 -5.65 -5.40 -32.07
CA ALA A 259 -5.31 -4.32 -31.15
C ALA A 259 -4.66 -3.19 -31.90
N ALA A 260 -4.99 -1.97 -31.51
CA ALA A 260 -4.34 -0.80 -32.07
C ALA A 260 -3.03 -0.49 -31.35
N ALA A 261 -2.23 0.33 -32.03
CA ALA A 261 -1.00 0.89 -31.48
C ALA A 261 -0.98 2.39 -31.75
N ASP A 262 -0.48 3.16 -30.78
CA ASP A 262 -0.33 4.61 -30.94
C ASP A 262 0.73 4.89 -32.00
N SER A 263 0.54 5.95 -32.77
CA SER A 263 1.51 6.23 -33.84
C SER A 263 2.92 6.48 -33.29
N ALA A 264 3.05 6.99 -32.07
CA ALA A 264 4.40 7.14 -31.52
C ALA A 264 5.06 5.78 -31.35
N VAL A 265 4.31 4.79 -30.88
CA VAL A 265 4.84 3.43 -30.67
C VAL A 265 5.21 2.80 -32.01
N VAL A 266 4.33 2.92 -32.99
CA VAL A 266 4.62 2.43 -34.33
C VAL A 266 5.91 3.04 -34.86
N ALA A 267 6.00 4.37 -34.79
CA ALA A 267 7.19 5.08 -35.21
C ALA A 267 8.44 4.56 -34.51
N ALA A 268 8.33 4.32 -33.20
CA ALA A 268 9.48 3.85 -32.44
C ALA A 268 9.95 2.49 -32.95
N VAL A 269 9.00 1.57 -33.10
CA VAL A 269 9.33 0.22 -33.56
C VAL A 269 9.80 0.28 -35.01
N GLU A 270 9.09 1.02 -35.86
CA GLU A 270 9.47 1.16 -37.27
C GLU A 270 10.89 1.72 -37.38
N LYS A 271 11.22 2.75 -36.59
CA LYS A 271 12.57 3.31 -36.60
C LYS A 271 13.62 2.29 -36.17
N ALA A 272 13.36 1.51 -35.12
CA ALA A 272 14.28 0.43 -34.78
C ALA A 272 14.51 -0.52 -35.95
N ALA A 273 13.51 -0.71 -36.81
CA ALA A 273 13.71 -1.60 -37.94
C ALA A 273 14.45 -0.91 -39.08
N GLU A 274 14.19 0.37 -39.35
CA GLU A 274 14.97 1.01 -40.41
C GLU A 274 16.43 1.14 -40.00
N SER A 275 16.65 1.35 -38.71
CA SER A 275 18.01 1.44 -38.22
C SER A 275 18.76 0.14 -38.46
N CYS A 276 18.12 -0.99 -38.18
CA CYS A 276 18.75 -2.27 -38.48
C CYS A 276 19.00 -2.42 -39.97
N ALA A 277 18.00 -2.09 -40.79
CA ALA A 277 18.13 -2.17 -42.23
C ALA A 277 19.38 -1.43 -42.69
N ALA A 278 19.60 -0.23 -42.12
CA ALA A 278 20.76 0.59 -42.46
C ALA A 278 22.07 -0.10 -42.16
N GLN A 279 22.05 -1.17 -41.38
CA GLN A 279 23.21 -2.01 -41.13
C GLN A 279 23.18 -3.34 -41.89
N GLY A 280 22.23 -3.50 -42.83
CA GLY A 280 22.17 -4.69 -43.67
C GLY A 280 20.93 -5.57 -43.48
N ALA A 281 20.17 -5.38 -42.41
CA ALA A 281 19.03 -6.27 -42.18
C ALA A 281 18.06 -6.24 -43.35
N GLN A 282 17.44 -7.39 -43.60
CA GLN A 282 16.39 -7.57 -44.59
C GLN A 282 15.04 -7.55 -43.84
N VAL A 283 14.32 -6.43 -43.97
CA VAL A 283 13.12 -6.20 -43.18
C VAL A 283 11.90 -6.45 -44.05
N SER A 284 11.02 -7.32 -43.60
CA SER A 284 9.77 -7.59 -44.29
C SER A 284 8.59 -7.20 -43.40
N THR A 285 7.44 -6.99 -44.03
CA THR A 285 6.25 -6.49 -43.33
C THR A 285 5.06 -7.42 -43.49
N SER A 286 5.24 -8.50 -44.22
CA SER A 286 4.17 -9.43 -44.51
C SER A 286 4.83 -10.78 -44.75
N ASN A 287 4.12 -11.83 -44.37
CA ASN A 287 4.53 -13.16 -44.80
C ASN A 287 3.33 -14.10 -44.75
N ALA A 288 3.28 -14.99 -45.72
CA ALA A 288 2.14 -15.90 -45.79
C ALA A 288 2.21 -16.99 -44.74
N ASP A 289 3.38 -17.24 -44.17
CA ASP A 289 3.51 -18.23 -43.09
C ASP A 289 3.22 -17.65 -41.72
N LEU A 290 2.80 -16.40 -41.63
CA LEU A 290 2.43 -15.84 -40.34
C LEU A 290 1.12 -16.48 -39.88
N PRO A 291 1.07 -17.08 -38.71
CA PRO A 291 -0.19 -17.64 -38.24
C PRO A 291 -1.27 -16.58 -38.10
N ASP A 292 -2.52 -17.04 -38.17
CA ASP A 292 -3.67 -16.18 -37.91
C ASP A 292 -3.54 -15.59 -36.52
N LEU A 293 -3.13 -14.31 -36.42
CA LEU A 293 -2.91 -13.67 -35.12
C LEU A 293 -4.21 -13.44 -34.36
N SER A 294 -5.34 -13.41 -35.07
CA SER A 294 -6.61 -13.18 -34.40
C SER A 294 -7.08 -14.45 -33.73
N LYS A 295 -7.10 -15.58 -34.48
CA LYS A 295 -7.37 -16.86 -33.85
C LYS A 295 -6.40 -17.10 -32.70
N LEU A 296 -5.14 -16.70 -32.88
CA LEU A 296 -4.19 -16.92 -31.79
C LEU A 296 -4.65 -16.21 -30.54
N VAL A 297 -5.10 -14.94 -30.67
CA VAL A 297 -5.50 -14.22 -29.47
C VAL A 297 -6.65 -14.93 -28.79
N SER A 298 -7.62 -15.41 -29.58
CA SER A 298 -8.77 -16.10 -28.99
C SER A 298 -8.34 -17.39 -28.31
N ASP A 299 -7.49 -18.19 -28.97
CA ASP A 299 -7.06 -19.46 -28.39
C ASP A 299 -6.27 -19.22 -27.11
N TYR A 300 -5.38 -18.22 -27.14
CA TYR A 300 -4.55 -17.89 -25.98
C TYR A 300 -5.42 -17.45 -24.80
N THR A 301 -6.39 -16.58 -25.06
CA THR A 301 -7.26 -16.08 -24.01
C THR A 301 -8.09 -17.19 -23.39
N ARG A 302 -8.78 -17.99 -24.22
CA ARG A 302 -9.49 -19.18 -23.78
C ARG A 302 -8.64 -19.97 -22.81
N MET A 303 -7.38 -20.22 -23.17
CA MET A 303 -6.54 -21.08 -22.35
C MET A 303 -6.01 -20.33 -21.14
N LEU A 304 -5.72 -19.04 -21.29
CA LEU A 304 -5.29 -18.24 -20.14
C LEU A 304 -6.33 -18.26 -19.02
N LEU A 305 -7.61 -18.12 -19.36
CA LEU A 305 -8.61 -18.02 -18.30
C LEU A 305 -8.83 -19.36 -17.61
N ILE A 306 -8.74 -20.47 -18.36
CA ILE A 306 -8.80 -21.80 -17.76
C ILE A 306 -7.61 -22.01 -16.83
N VAL A 307 -6.42 -21.64 -17.29
CA VAL A 307 -5.23 -21.87 -16.49
C VAL A 307 -5.35 -21.11 -15.17
N LEU A 308 -5.61 -19.81 -15.26
CA LEU A 308 -5.69 -18.98 -14.06
C LEU A 308 -6.80 -19.45 -13.13
N ALA A 309 -7.83 -20.06 -13.66
CA ALA A 309 -8.92 -20.53 -12.83
C ALA A 309 -8.72 -21.95 -12.33
N GLN A 310 -7.57 -22.55 -12.64
CA GLN A 310 -7.28 -23.91 -12.23
C GLN A 310 -8.39 -24.88 -12.65
N GLY A 311 -8.91 -24.70 -13.85
CA GLY A 311 -9.92 -25.60 -14.36
C GLY A 311 -11.28 -25.48 -13.72
N LYS A 312 -11.44 -24.54 -12.80
CA LYS A 312 -12.70 -24.37 -12.11
C LYS A 312 -13.60 -23.40 -12.88
N ALA A 313 -14.89 -23.50 -12.60
CA ALA A 313 -15.90 -22.62 -13.16
C ALA A 313 -16.86 -22.23 -12.06
N PRO A 314 -17.56 -21.10 -12.23
CA PRO A 314 -18.57 -20.67 -11.24
C PRO A 314 -19.73 -21.64 -11.16
N GLU A 315 -20.55 -21.43 -10.14
CA GLU A 315 -21.77 -22.21 -10.00
C GLU A 315 -22.67 -21.93 -11.19
N GLY A 316 -23.37 -22.98 -11.63
CA GLY A 316 -24.25 -22.90 -12.79
C GLY A 316 -23.53 -23.07 -14.11
N THR A 317 -22.24 -22.69 -14.15
CA THR A 317 -21.40 -22.80 -15.33
C THR A 317 -20.66 -24.13 -15.31
N GLU A 318 -20.62 -24.81 -16.48
CA GLU A 318 -20.00 -26.12 -16.56
C GLU A 318 -18.50 -25.99 -16.84
N PRO A 319 -17.65 -26.72 -16.15
CA PRO A 319 -16.22 -26.62 -16.42
C PRO A 319 -15.84 -27.30 -17.73
N VAL A 320 -14.64 -26.95 -18.19
CA VAL A 320 -14.04 -27.60 -19.34
C VAL A 320 -13.69 -29.03 -18.95
N SER A 321 -13.98 -29.97 -19.85
CA SER A 321 -13.59 -31.36 -19.61
C SER A 321 -12.11 -31.55 -19.89
N LEU A 322 -11.51 -32.50 -19.18
CA LEU A 322 -10.10 -32.84 -19.43
C LEU A 322 -9.86 -33.05 -20.92
N ASN A 323 -10.70 -33.86 -21.56
CA ASN A 323 -10.51 -34.17 -22.97
C ASN A 323 -10.54 -32.91 -23.83
N ALA A 324 -11.46 -31.99 -23.54
CA ALA A 324 -11.47 -30.70 -24.24
C ALA A 324 -10.19 -29.93 -23.97
N TRP A 325 -9.67 -30.00 -22.73
CA TRP A 325 -8.39 -29.38 -22.40
C TRP A 325 -7.26 -29.97 -23.24
N TYR A 326 -7.24 -31.30 -23.40
CA TYR A 326 -6.24 -31.93 -24.25
C TYR A 326 -6.40 -31.46 -25.68
N GLY A 327 -7.64 -31.25 -26.13
CA GLY A 327 -7.82 -30.68 -27.45
C GLY A 327 -7.27 -29.27 -27.55
N MET A 328 -7.32 -28.52 -26.44
CA MET A 328 -6.78 -27.15 -26.48
C MET A 328 -5.27 -27.20 -26.61
N LEU A 329 -4.63 -28.18 -25.99
CA LEU A 329 -3.19 -28.31 -26.12
C LEU A 329 -2.81 -28.77 -27.52
N ASP A 330 -3.62 -29.64 -28.13
CA ASP A 330 -3.41 -29.97 -29.54
C ASP A 330 -3.44 -28.72 -30.40
N ASP A 331 -4.43 -27.84 -30.17
CA ASP A 331 -4.53 -26.61 -30.93
C ASP A 331 -3.28 -25.77 -30.73
N GLN A 332 -2.86 -25.65 -29.47
CA GLN A 332 -1.67 -24.86 -29.17
C GLN A 332 -0.49 -25.42 -29.94
N ALA A 333 -0.36 -26.74 -29.98
CA ALA A 333 0.78 -27.34 -30.67
C ALA A 333 0.70 -27.06 -32.17
N ARG A 334 -0.49 -27.09 -32.76
CA ARG A 334 -0.60 -26.78 -34.17
C ARG A 334 -0.13 -25.36 -34.42
N THR A 335 -0.62 -24.41 -33.64
CA THR A 335 -0.19 -23.02 -33.82
C THR A 335 1.32 -22.88 -33.69
N ILE A 336 1.91 -23.60 -32.74
CA ILE A 336 3.35 -23.50 -32.54
C ILE A 336 4.09 -23.93 -33.78
N ARG A 337 3.64 -25.02 -34.43
CA ARG A 337 4.26 -25.46 -35.68
C ARG A 337 4.16 -24.39 -36.74
N GLY A 338 3.05 -23.64 -36.75
CA GLY A 338 2.93 -22.49 -37.63
C GLY A 338 4.08 -21.51 -37.49
N PHE A 339 4.51 -21.22 -36.24
CA PHE A 339 5.65 -20.33 -36.05
C PHE A 339 6.96 -21.03 -36.36
N ASP A 340 7.04 -22.35 -36.19
CA ASP A 340 8.25 -23.04 -36.62
C ASP A 340 8.50 -22.76 -38.09
N ARG A 341 7.44 -22.87 -38.92
CA ARG A 341 7.58 -22.60 -40.36
C ARG A 341 7.92 -21.12 -40.61
N LEU A 342 7.33 -20.23 -39.82
CA LEU A 342 7.63 -18.82 -40.01
C LEU A 342 9.10 -18.54 -39.71
N PHE A 343 9.66 -19.21 -38.71
CA PHE A 343 11.05 -18.90 -38.39
C PHE A 343 12.03 -19.60 -39.32
N ASP A 344 11.55 -20.44 -40.23
CA ASP A 344 12.39 -20.86 -41.35
C ASP A 344 12.75 -19.65 -42.23
N SER A 345 11.90 -18.61 -42.26
CA SER A 345 12.11 -17.44 -43.11
C SER A 345 12.58 -16.19 -42.37
N PHE A 346 12.57 -16.17 -41.05
CA PHE A 346 12.94 -14.97 -40.30
C PHE A 346 13.78 -15.34 -39.11
N ASP A 347 14.70 -14.45 -38.76
CA ASP A 347 15.48 -14.57 -37.55
C ASP A 347 14.80 -13.93 -36.34
N ALA A 348 14.06 -12.85 -36.56
CA ALA A 348 13.32 -12.24 -35.47
C ALA A 348 12.05 -11.59 -36.00
N ILE A 349 11.08 -11.49 -35.12
CA ILE A 349 9.94 -10.60 -35.30
C ILE A 349 10.20 -9.34 -34.45
N PHE A 350 10.05 -8.15 -35.05
CA PHE A 350 9.96 -6.90 -34.32
C PHE A 350 8.51 -6.43 -34.28
N CYS A 351 7.99 -6.16 -33.09
CA CYS A 351 6.64 -5.59 -33.00
C CYS A 351 6.51 -4.83 -31.69
N PRO A 352 5.40 -4.11 -31.50
CA PRO A 352 5.21 -3.42 -30.23
C PRO A 352 5.16 -4.40 -29.08
N VAL A 353 5.50 -3.91 -27.89
CA VAL A 353 5.21 -4.63 -26.66
C VAL A 353 3.76 -4.37 -26.26
N LEU A 354 3.33 -3.12 -26.39
CA LEU A 354 1.99 -2.70 -26.07
C LEU A 354 1.72 -1.47 -26.92
N GLY A 355 0.45 -1.21 -27.20
CA GLY A 355 0.12 -0.14 -28.10
C GLY A 355 0.25 1.24 -27.52
N THR A 356 0.48 1.32 -26.21
CA THR A 356 0.77 2.60 -25.56
C THR A 356 1.97 2.47 -24.62
N SER A 357 2.60 3.62 -24.39
CA SER A 357 3.50 3.79 -23.27
C SER A 357 2.68 3.75 -21.97
N ALA A 358 3.35 3.99 -20.84
CA ALA A 358 2.73 3.82 -19.54
C ALA A 358 1.52 4.71 -19.34
N PHE A 359 0.40 4.11 -18.89
CA PHE A 359 -0.87 4.83 -18.74
C PHE A 359 -1.09 5.35 -17.31
N PRO A 360 -1.98 6.31 -17.13
CA PRO A 360 -2.21 6.83 -15.78
C PRO A 360 -2.82 5.78 -14.88
N HIS A 361 -2.45 5.84 -13.60
CA HIS A 361 -2.93 4.88 -12.64
C HIS A 361 -4.43 4.72 -12.77
N SER A 362 -4.90 3.47 -12.75
CA SER A 362 -6.31 3.17 -12.76
C SER A 362 -6.65 2.43 -11.49
N ASP A 363 -7.69 2.89 -10.82
CA ASP A 363 -8.29 2.23 -9.68
C ASP A 363 -9.42 1.29 -10.06
N GLU A 364 -9.63 1.12 -11.36
CA GLU A 364 -10.74 0.34 -11.91
C GLU A 364 -10.29 -1.12 -11.99
N ALA A 365 -10.91 -2.00 -11.22
CA ALA A 365 -10.40 -3.37 -11.18
C ALA A 365 -10.72 -4.12 -12.46
N ASP A 366 -11.87 -3.79 -13.06
CA ASP A 366 -12.43 -4.49 -14.21
C ASP A 366 -11.78 -3.93 -15.46
N TRP A 367 -10.94 -4.74 -16.10
CA TRP A 367 -10.37 -4.29 -17.35
C TRP A 367 -11.42 -3.87 -18.35
N GLY A 368 -12.59 -4.49 -18.31
CA GLY A 368 -13.59 -4.15 -19.29
C GLY A 368 -14.10 -2.74 -19.18
N LYS A 369 -13.87 -2.09 -18.05
CA LYS A 369 -14.30 -0.72 -17.84
C LYS A 369 -13.17 0.28 -18.02
N ARG A 370 -11.96 -0.18 -18.28
CA ARG A 370 -10.86 0.72 -18.59
C ARG A 370 -10.83 1.03 -20.08
N THR A 371 -10.15 2.13 -20.41
CA THR A 371 -9.80 2.45 -21.78
C THR A 371 -8.33 2.86 -21.81
N LEU A 372 -7.84 3.01 -23.04
CA LEU A 372 -6.51 3.49 -23.34
C LEU A 372 -6.65 4.48 -24.48
N THR A 373 -5.95 5.59 -24.40
CA THR A 373 -5.96 6.57 -25.46
C THR A 373 -4.91 6.23 -26.48
N ILE A 374 -5.36 6.07 -27.71
CA ILE A 374 -4.52 5.74 -28.86
C ILE A 374 -4.86 6.74 -29.95
N ASP A 375 -3.89 7.55 -30.32
CA ASP A 375 -4.10 8.52 -31.39
C ASP A 375 -5.31 9.40 -31.09
N GLY A 376 -5.47 9.77 -29.83
CA GLY A 376 -6.46 10.74 -29.49
C GLY A 376 -7.83 10.18 -29.18
N ALA A 377 -8.06 8.88 -29.40
CA ALA A 377 -9.34 8.27 -29.11
C ALA A 377 -9.23 7.19 -28.05
N ASP A 378 -10.32 7.00 -27.31
CA ASP A 378 -10.42 5.91 -26.35
C ASP A 378 -10.59 4.58 -27.07
N THR A 379 -9.82 3.59 -26.64
CA THR A 379 -9.87 2.23 -27.17
C THR A 379 -9.88 1.25 -26.01
N PRO A 380 -10.31 0.00 -26.25
CA PRO A 380 -10.47 -0.94 -25.14
C PRO A 380 -9.14 -1.32 -24.56
N PHE A 381 -9.10 -1.37 -23.23
CA PHE A 381 -7.84 -1.60 -22.54
C PHE A 381 -7.35 -3.02 -22.82
N GLY A 382 -8.24 -3.99 -22.66
CA GLY A 382 -7.79 -5.36 -22.71
C GLY A 382 -7.37 -5.81 -24.08
N SER A 383 -7.84 -5.14 -25.13
CA SER A 383 -7.44 -5.52 -26.48
C SER A 383 -5.92 -5.69 -26.62
N GLN A 384 -5.16 -4.97 -25.79
CA GLN A 384 -3.70 -4.91 -25.94
C GLN A 384 -3.02 -6.22 -25.56
N LEU A 385 -3.73 -7.18 -24.96
CA LEU A 385 -3.11 -8.48 -24.73
C LEU A 385 -2.64 -9.08 -26.05
N ALA A 386 -3.27 -8.67 -27.14
CA ALA A 386 -2.92 -9.20 -28.45
C ALA A 386 -1.41 -9.19 -28.67
N TRP A 387 -0.76 -8.08 -28.33
CA TRP A 387 0.63 -7.88 -28.68
C TRP A 387 1.57 -8.85 -27.98
N ILE A 388 1.20 -9.30 -26.76
CA ILE A 388 2.06 -10.20 -26.01
C ILE A 388 1.64 -11.65 -26.13
N SER A 389 0.57 -11.91 -26.88
CA SER A 389 0.00 -13.25 -26.98
C SER A 389 0.88 -14.23 -27.76
N MET A 390 1.62 -13.74 -28.77
CA MET A 390 2.30 -14.66 -29.67
C MET A 390 3.35 -15.45 -28.92
N ALA A 391 4.15 -14.78 -28.10
CA ALA A 391 5.27 -15.46 -27.46
C ALA A 391 4.79 -16.27 -26.26
N THR A 392 3.81 -15.79 -25.52
CA THR A 392 3.34 -16.55 -24.38
C THR A 392 2.69 -17.84 -24.83
N TYR A 393 1.70 -17.73 -25.72
CA TYR A 393 0.93 -18.87 -26.19
C TYR A 393 1.79 -19.89 -26.94
N CYS A 394 2.66 -19.41 -27.82
CA CYS A 394 3.41 -20.33 -28.67
C CYS A 394 4.77 -20.66 -28.12
N GLY A 395 5.15 -20.06 -26.97
CA GLY A 395 6.33 -20.43 -26.21
C GLY A 395 7.58 -19.64 -26.47
N MET A 396 7.63 -18.83 -27.53
CA MET A 396 8.89 -18.26 -28.00
C MET A 396 9.46 -17.32 -26.95
N PRO A 397 10.78 -17.13 -26.93
CA PRO A 397 11.37 -16.06 -26.12
C PRO A 397 11.07 -14.71 -26.74
N ALA A 398 10.98 -13.68 -25.90
CA ALA A 398 10.63 -12.36 -26.39
C ALA A 398 11.22 -11.31 -25.48
N LEU A 399 12.08 -10.50 -26.06
CA LEU A 399 12.74 -9.42 -25.36
C LEU A 399 11.89 -8.16 -25.47
N SER A 400 11.84 -7.40 -24.38
CA SER A 400 11.39 -6.02 -24.39
C SER A 400 12.58 -5.13 -24.07
N MET A 401 12.95 -4.24 -24.99
CA MET A 401 14.09 -3.37 -24.81
C MET A 401 13.69 -1.94 -25.13
N PRO A 402 14.32 -0.94 -24.50
CA PRO A 402 13.97 0.45 -24.79
C PRO A 402 14.46 0.89 -26.15
N VAL A 403 13.59 1.58 -26.89
CA VAL A 403 14.01 2.09 -28.19
C VAL A 403 13.58 3.53 -28.40
N GLY A 404 12.80 4.11 -27.48
CA GLY A 404 12.38 5.49 -27.69
C GLY A 404 11.67 6.09 -26.50
N THR A 405 11.21 7.32 -26.68
CA THR A 405 10.31 7.96 -25.72
C THR A 405 9.19 8.62 -26.51
N ASP A 406 8.00 8.68 -25.94
CA ASP A 406 6.90 9.34 -26.62
C ASP A 406 6.98 10.84 -26.34
N ALA A 407 5.96 11.58 -26.72
CA ALA A 407 6.06 13.03 -26.70
C ALA A 407 6.03 13.58 -25.29
N ASN A 408 5.48 12.82 -24.33
CA ASN A 408 5.49 13.14 -22.91
C ASN A 408 6.69 12.56 -22.16
N GLY A 409 7.71 12.10 -22.86
CA GLY A 409 8.88 11.58 -22.20
C GLY A 409 8.76 10.16 -21.69
N LEU A 410 7.74 9.43 -22.10
CA LEU A 410 7.55 8.11 -21.50
C LEU A 410 8.21 7.06 -22.37
N PRO A 411 8.88 6.08 -21.75
CA PRO A 411 9.56 5.05 -22.53
C PRO A 411 8.63 4.32 -23.47
N ILE A 412 9.20 3.96 -24.61
CA ILE A 412 8.61 3.00 -25.55
C ILE A 412 9.59 1.86 -25.80
N GLY A 413 9.09 0.63 -25.68
CA GLY A 413 9.90 -0.55 -25.87
C GLY A 413 9.55 -1.24 -27.17
N LEU A 414 10.50 -2.04 -27.64
CA LEU A 414 10.40 -2.87 -28.82
C LEU A 414 10.37 -4.32 -28.35
N GLN A 415 9.49 -5.11 -28.93
CA GLN A 415 9.42 -6.53 -28.61
C GLN A 415 10.17 -7.26 -29.72
N ILE A 416 11.14 -8.09 -29.32
CA ILE A 416 11.94 -8.91 -30.23
C ILE A 416 11.63 -10.36 -29.91
N ILE A 417 11.00 -11.04 -30.85
CA ILE A 417 10.57 -12.44 -30.72
C ILE A 417 11.47 -13.27 -31.62
N THR A 418 12.08 -14.31 -31.04
CA THR A 418 12.88 -15.23 -31.83
C THR A 418 12.37 -16.63 -31.60
N ARG A 419 13.02 -17.60 -32.24
CA ARG A 419 12.44 -18.93 -32.22
C ARG A 419 12.67 -19.60 -30.86
N ASN A 420 11.84 -20.61 -30.58
CA ASN A 420 11.95 -21.27 -29.30
C ASN A 420 13.39 -21.74 -29.08
N TRP A 421 13.86 -21.51 -27.85
CA TRP A 421 15.14 -21.90 -27.27
C TRP A 421 16.22 -20.97 -27.72
N SER A 422 15.93 -19.96 -28.54
CA SER A 422 16.95 -19.04 -29.03
C SER A 422 17.00 -17.79 -28.19
N ASP A 423 16.74 -17.94 -26.88
CA ASP A 423 16.70 -16.80 -25.99
C ASP A 423 17.94 -15.92 -26.12
N HIS A 424 19.11 -16.53 -26.31
CA HIS A 424 20.32 -15.74 -26.39
C HIS A 424 20.40 -14.94 -27.69
N ASP A 425 19.73 -15.39 -28.74
CA ASP A 425 19.66 -14.60 -29.97
C ASP A 425 18.72 -13.41 -29.83
N ALA A 426 17.64 -13.55 -29.06
CA ALA A 426 16.77 -12.42 -28.75
C ALA A 426 17.56 -11.31 -28.07
N VAL A 427 18.30 -11.68 -27.00
CA VAL A 427 19.12 -10.74 -26.26
C VAL A 427 20.22 -10.17 -27.12
N ARG A 428 20.90 -11.02 -27.90
CA ARG A 428 21.96 -10.53 -28.76
C ARG A 428 21.44 -9.56 -29.82
N ILE A 429 20.28 -9.87 -30.42
CA ILE A 429 19.73 -8.96 -31.42
C ILE A 429 19.30 -7.64 -30.80
N GLY A 430 18.83 -7.65 -29.57
CA GLY A 430 18.52 -6.38 -28.92
C GLY A 430 19.76 -5.54 -28.74
N ALA A 431 20.81 -6.13 -28.18
CA ALA A 431 22.10 -5.48 -28.07
C ALA A 431 22.50 -4.84 -29.40
N LEU A 432 22.23 -5.51 -30.51
CA LEU A 432 22.63 -4.98 -31.80
C LEU A 432 21.68 -3.91 -32.30
N VAL A 433 20.41 -4.00 -31.93
CA VAL A 433 19.47 -2.93 -32.22
C VAL A 433 19.91 -1.66 -31.50
N ALA A 434 20.41 -1.80 -30.28
CA ALA A 434 20.80 -0.65 -29.49
C ALA A 434 22.05 0.01 -30.08
N ASP A 435 23.04 -0.77 -30.51
CA ASP A 435 24.17 -0.16 -31.22
C ASP A 435 23.66 0.57 -32.46
N ALA A 436 22.75 -0.05 -33.20
CA ALA A 436 22.34 0.49 -34.48
C ALA A 436 21.64 1.83 -34.32
N LEU A 437 20.85 1.97 -33.24
CA LEU A 437 20.14 3.21 -32.99
C LEU A 437 21.04 4.34 -32.49
N ALA A 438 22.25 4.01 -32.04
CA ALA A 438 23.26 5.02 -31.75
C ALA A 438 24.02 5.46 -33.01
N ALA A 439 24.18 4.57 -33.98
CA ALA A 439 25.06 4.73 -35.12
C ALA A 439 25.44 6.16 -35.53
N SER B 2 -3.69 -8.10 27.37
CA SER B 2 -2.78 -8.69 28.34
C SER B 2 -1.48 -7.88 28.47
N GLU B 3 -1.32 -6.86 27.61
CA GLU B 3 -0.09 -6.08 27.53
C GLU B 3 -0.07 -4.91 28.50
N LEU B 4 1.14 -4.50 28.86
CA LEU B 4 1.30 -3.35 29.74
C LEU B 4 0.65 -2.12 29.14
N SER B 5 0.06 -1.30 30.01
CA SER B 5 -0.43 0.02 29.63
C SER B 5 0.75 0.98 29.51
N ALA B 6 0.45 2.21 29.10
CA ALA B 6 1.50 3.20 29.01
C ALA B 6 2.02 3.55 30.40
N ILE B 7 1.12 3.71 31.35
CA ILE B 7 1.54 4.05 32.70
C ILE B 7 2.31 2.89 33.34
N GLU B 8 1.85 1.65 33.12
CA GLU B 8 2.55 0.48 33.64
C GLU B 8 3.94 0.36 33.04
N THR B 9 4.05 0.58 31.73
CA THR B 9 5.37 0.52 31.11
C THR B 9 6.30 1.54 31.75
N ALA B 10 5.86 2.80 31.83
CA ALA B 10 6.68 3.81 32.47
C ALA B 10 7.06 3.43 33.90
N ALA B 11 6.11 2.83 34.65
CA ALA B 11 6.38 2.40 36.02
C ALA B 11 7.42 1.29 36.06
N ALA B 12 7.24 0.25 35.26
CA ALA B 12 8.22 -0.83 35.23
C ALA B 12 9.64 -0.32 34.98
N ILE B 13 9.78 0.66 34.07
CA ILE B 13 11.08 1.27 33.75
C ILE B 13 11.66 2.04 34.95
N ALA B 14 10.87 2.94 35.53
CA ALA B 14 11.34 3.71 36.68
C ALA B 14 11.69 2.83 37.84
N GLY B 15 11.03 1.68 37.96
CA GLY B 15 11.27 0.73 39.02
C GLY B 15 12.31 -0.33 38.74
N GLY B 16 13.00 -0.27 37.60
CA GLY B 16 14.09 -1.17 37.32
C GLY B 16 13.69 -2.57 36.86
N SER B 17 12.42 -2.93 37.00
CA SER B 17 11.85 -4.16 36.45
C SER B 17 12.30 -4.41 35.01
N MET B 18 12.39 -3.37 34.20
CA MET B 18 12.89 -3.53 32.84
C MET B 18 13.47 -2.20 32.39
N THR B 19 14.21 -2.26 31.29
CA THR B 19 14.84 -1.06 30.77
C THR B 19 13.97 -0.49 29.65
N ALA B 20 14.19 0.79 29.36
CA ALA B 20 13.56 1.40 28.20
C ALA B 20 13.88 0.61 26.93
N LEU B 21 15.14 0.20 26.79
CA LEU B 21 15.55 -0.48 25.56
C LEU B 21 14.83 -1.80 25.44
N GLU B 22 14.67 -2.52 26.53
CA GLU B 22 13.93 -3.77 26.47
C GLU B 22 12.48 -3.49 26.09
N ALA B 23 11.89 -2.45 26.69
CA ALA B 23 10.50 -2.09 26.40
C ALA B 23 10.32 -1.79 24.93
N CYS B 24 11.23 -0.98 24.38
CA CYS B 24 11.24 -0.68 22.95
C CYS B 24 11.40 -1.95 22.11
N ASP B 25 12.41 -2.76 22.44
CA ASP B 25 12.65 -3.98 21.69
C ASP B 25 11.48 -4.93 21.79
N ALA B 26 10.71 -4.85 22.88
CA ALA B 26 9.54 -5.73 22.99
C ALA B 26 8.44 -5.24 22.08
N ALA B 27 8.26 -3.92 22.00
CA ALA B 27 7.28 -3.36 21.09
C ALA B 27 7.66 -3.65 19.64
N ILE B 28 8.92 -3.50 19.30
CA ILE B 28 9.34 -3.82 17.95
C ILE B 28 9.01 -5.28 17.67
N ALA B 29 9.17 -6.14 18.69
CA ALA B 29 8.88 -7.55 18.51
C ALA B 29 7.40 -7.78 18.28
N ARG B 30 6.54 -7.09 19.02
CA ARG B 30 5.11 -7.31 18.81
C ARG B 30 4.71 -6.84 17.43
N ILE B 31 5.24 -5.70 17.02
CA ILE B 31 4.92 -5.15 15.71
C ILE B 31 5.34 -6.12 14.64
N GLU B 32 6.59 -6.56 14.69
CA GLU B 32 7.11 -7.44 13.66
C GLU B 32 6.34 -8.76 13.65
N GLN B 33 5.92 -9.23 14.81
CA GLN B 33 5.28 -10.52 14.86
C GLN B 33 3.80 -10.44 14.55
N ARG B 34 3.21 -9.27 14.53
CA ARG B 34 1.76 -9.17 14.51
C ARG B 34 1.21 -8.27 13.40
N ASP B 35 2.04 -7.40 12.81
CA ASP B 35 1.55 -6.41 11.88
C ASP B 35 1.47 -6.91 10.45
N GLY B 36 1.95 -8.11 10.16
CA GLY B 36 1.97 -8.61 8.80
C GLY B 36 0.61 -8.57 8.14
N PRO B 37 -0.39 -9.18 8.79
CA PRO B 37 -1.76 -9.17 8.26
C PRO B 37 -2.61 -7.97 8.63
N ILE B 38 -2.13 -7.08 9.49
CA ILE B 38 -2.86 -5.88 9.86
C ILE B 38 -2.37 -4.66 9.08
N ASN B 39 -1.06 -4.48 9.01
CA ASN B 39 -0.46 -3.38 8.24
C ASN B 39 -0.85 -2.03 8.81
N ALA B 40 -0.62 -1.88 10.12
CA ALA B 40 -0.92 -0.63 10.80
C ALA B 40 0.30 0.26 11.02
N VAL B 41 1.46 -0.27 11.42
CA VAL B 41 2.66 0.55 11.65
C VAL B 41 3.40 0.63 10.31
N VAL B 42 3.01 1.61 9.47
CA VAL B 42 3.48 1.65 8.09
C VAL B 42 4.69 2.53 7.89
N VAL B 43 5.06 3.33 8.89
CA VAL B 43 6.31 4.08 8.89
C VAL B 43 7.02 3.59 10.12
N ARG B 44 8.26 3.12 9.95
CA ARG B 44 9.00 2.51 11.04
C ARG B 44 10.35 3.18 11.20
N ASP B 45 10.68 3.51 12.43
CA ASP B 45 11.82 4.33 12.81
C ASP B 45 12.61 3.60 13.90
N PHE B 46 12.78 2.27 13.73
CA PHE B 46 13.22 1.44 14.84
C PHE B 46 14.64 1.77 15.30
N ASP B 47 15.57 2.00 14.36
CA ASP B 47 16.97 2.21 14.75
C ASP B 47 17.14 3.46 15.61
N ARG B 48 16.48 4.56 15.22
CA ARG B 48 16.51 5.76 16.04
C ARG B 48 15.67 5.60 17.30
N ALA B 49 14.62 4.81 17.25
CA ALA B 49 13.85 4.61 18.47
C ALA B 49 14.70 3.89 19.49
N ARG B 50 15.49 2.90 19.04
CA ARG B 50 16.33 2.18 19.99
C ARG B 50 17.41 3.08 20.56
N GLU B 51 17.92 4.06 19.78
CA GLU B 51 18.90 5.00 20.35
C GLU B 51 18.23 5.92 21.35
N ALA B 52 17.02 6.36 21.07
CA ALA B 52 16.28 7.15 22.05
C ALA B 52 16.01 6.35 23.33
N ALA B 53 15.71 5.06 23.21
CA ALA B 53 15.49 4.26 24.41
C ALA B 53 16.76 4.12 25.24
N LYS B 54 17.91 3.95 24.58
CA LYS B 54 19.19 3.94 25.31
C LYS B 54 19.42 5.26 26.03
N ALA B 55 19.04 6.37 25.39
CA ALA B 55 19.19 7.67 26.03
C ALA B 55 18.25 7.80 27.22
N ALA B 56 17.04 7.25 27.09
CA ALA B 56 16.12 7.22 28.21
C ALA B 56 16.72 6.45 29.37
N ASP B 57 17.35 5.31 29.08
CA ASP B 57 17.95 4.51 30.14
C ASP B 57 19.08 5.27 30.83
N GLY B 58 19.78 6.13 30.08
CA GLY B 58 20.75 7.00 30.71
C GLY B 58 20.11 7.95 31.69
N GLU B 59 18.95 8.51 31.33
CA GLU B 59 18.22 9.37 32.24
C GLU B 59 17.83 8.62 33.50
N VAL B 60 17.28 7.41 33.34
CA VAL B 60 16.85 6.62 34.50
C VAL B 60 18.03 6.39 35.44
N ALA B 61 19.16 5.95 34.88
CA ALA B 61 20.33 5.67 35.70
C ALA B 61 20.79 6.91 36.44
N ALA B 62 20.63 8.06 35.83
CA ALA B 62 20.99 9.32 36.47
C ALA B 62 19.90 9.85 37.40
N GLY B 63 18.86 9.06 37.67
CA GLY B 63 17.85 9.43 38.64
C GLY B 63 16.68 10.21 38.11
N VAL B 64 16.60 10.43 36.79
CA VAL B 64 15.48 11.16 36.22
C VAL B 64 14.27 10.26 36.12
N SER B 65 13.09 10.80 36.48
CA SER B 65 11.82 10.18 36.14
C SER B 65 10.94 11.20 35.41
N LYS B 66 10.14 10.68 34.49
CA LYS B 66 9.20 11.42 33.66
C LYS B 66 8.01 10.52 33.41
N PRO B 67 6.81 11.09 33.23
CA PRO B 67 5.59 10.29 33.24
C PRO B 67 5.54 9.22 32.19
N LEU B 68 6.33 9.35 31.11
CA LEU B 68 6.36 8.35 30.05
C LEU B 68 7.80 8.06 29.62
N LEU B 69 8.73 8.18 30.55
CA LEU B 69 10.13 7.95 30.23
C LEU B 69 10.31 6.54 29.70
N GLY B 70 10.76 6.42 28.46
CA GLY B 70 11.02 5.13 27.84
C GLY B 70 9.81 4.38 27.33
N VAL B 71 8.61 4.93 27.45
CA VAL B 71 7.42 4.23 26.97
C VAL B 71 7.39 4.28 25.46
N PRO B 72 7.42 3.15 24.75
CA PRO B 72 7.35 3.19 23.29
C PRO B 72 5.93 3.37 22.81
N MET B 73 5.77 4.17 21.75
CA MET B 73 4.46 4.42 21.17
C MET B 73 4.64 4.73 19.70
N THR B 74 3.51 4.82 18.99
CA THR B 74 3.43 5.34 17.62
C THR B 74 2.47 6.52 17.59
N ILE B 75 2.39 7.19 16.45
CA ILE B 75 1.44 8.27 16.26
C ILE B 75 0.95 8.25 14.82
N LYS B 76 -0.24 8.82 14.63
CA LYS B 76 -0.87 8.89 13.31
C LYS B 76 0.04 9.53 12.29
N GLU B 77 0.07 8.95 11.08
CA GLU B 77 1.05 9.37 10.08
C GLU B 77 0.88 10.82 9.69
N SER B 78 -0.29 11.40 9.92
CA SER B 78 -0.55 12.79 9.55
C SER B 78 0.04 13.78 10.54
N ILE B 79 0.70 13.31 11.58
CA ILE B 79 1.28 14.16 12.61
C ILE B 79 2.80 14.09 12.47
N ASP B 80 3.45 15.24 12.52
CA ASP B 80 4.83 15.36 12.12
C ASP B 80 5.77 14.81 13.16
N ILE B 81 6.71 13.97 12.73
CA ILE B 81 7.88 13.60 13.51
C ILE B 81 9.10 13.98 12.69
N ALA B 82 10.03 14.70 13.30
CA ALA B 82 11.21 15.14 12.55
C ALA B 82 11.93 13.94 11.98
N GLY B 83 12.21 13.98 10.69
CA GLY B 83 13.00 12.96 10.04
C GLY B 83 12.20 11.90 9.37
N LEU B 84 10.87 11.93 9.52
CA LEU B 84 9.96 10.95 8.96
C LEU B 84 8.96 11.62 8.01
N PRO B 85 8.40 10.85 7.09
CA PRO B 85 7.46 11.41 6.12
C PRO B 85 6.14 11.73 6.76
N THR B 86 5.48 12.72 6.20
CA THR B 86 4.10 13.05 6.51
C THR B 86 3.42 13.22 5.16
N SER B 87 2.66 12.21 4.70
CA SER B 87 2.09 12.24 3.38
C SER B 87 0.57 12.32 3.34
N TRP B 88 -0.11 12.01 4.43
CA TRP B 88 -1.56 11.90 4.43
C TRP B 88 -2.04 10.95 3.33
N GLY B 89 -1.23 9.96 2.98
CA GLY B 89 -1.68 8.99 1.99
C GLY B 89 -1.62 9.46 0.55
N PHE B 90 -1.12 10.67 0.28
CA PHE B 90 -0.96 11.13 -1.10
C PHE B 90 0.35 10.61 -1.70
N ALA B 91 0.27 10.00 -2.88
CA ALA B 91 1.51 9.57 -3.54
C ALA B 91 2.42 10.76 -3.79
N GLU B 92 1.86 11.90 -4.17
CA GLU B 92 2.71 13.05 -4.46
C GLU B 92 3.43 13.57 -3.23
N HIS B 93 3.09 13.10 -2.03
CA HIS B 93 3.71 13.59 -0.79
C HIS B 93 4.43 12.48 -0.03
N ALA B 94 4.66 11.34 -0.68
CA ALA B 94 5.24 10.19 0.01
C ALA B 94 6.61 10.51 0.56
N ASP B 95 7.34 11.43 -0.11
CA ASP B 95 8.66 11.85 0.34
C ASP B 95 8.66 13.29 0.81
N HIS B 96 7.57 13.75 1.42
CA HIS B 96 7.60 14.95 2.23
C HIS B 96 8.08 14.57 3.62
N ILE B 97 9.32 14.92 3.95
CA ILE B 97 9.88 14.64 5.28
C ILE B 97 9.81 15.89 6.15
N ALA B 98 9.09 15.80 7.26
CA ALA B 98 8.99 16.90 8.20
C ALA B 98 10.34 17.17 8.81
N THR B 99 10.68 18.44 8.98
CA THR B 99 11.93 18.79 9.61
C THR B 99 11.80 19.07 11.10
N ALA B 100 10.58 19.07 11.66
CA ALA B 100 10.39 19.38 13.07
C ALA B 100 9.25 18.56 13.63
N ASP B 101 9.40 18.17 14.90
CA ASP B 101 8.33 17.48 15.60
C ASP B 101 7.08 18.35 15.67
N SER B 102 5.92 17.73 15.48
CA SER B 102 4.67 18.40 15.84
C SER B 102 4.71 18.77 17.31
N VAL B 103 3.75 19.59 17.75
CA VAL B 103 3.76 20.02 19.14
C VAL B 103 3.35 18.86 20.02
N VAL B 104 2.38 18.05 19.55
CA VAL B 104 2.00 16.85 20.30
C VAL B 104 3.22 15.95 20.53
N VAL B 105 3.96 15.69 19.45
CA VAL B 105 5.15 14.83 19.56
C VAL B 105 6.17 15.46 20.50
N SER B 106 6.45 16.76 20.38
CA SER B 106 7.43 17.40 21.26
C SER B 106 7.06 17.22 22.72
N ARG B 107 5.77 17.43 23.02
CA ARG B 107 5.29 17.33 24.39
C ARG B 107 5.40 15.93 24.92
N LEU B 108 5.07 14.94 24.10
CA LEU B 108 5.25 13.55 24.53
C LEU B 108 6.72 13.19 24.65
N LYS B 109 7.56 13.68 23.74
CA LYS B 109 8.98 13.41 23.87
C LYS B 109 9.52 14.05 25.14
N ALA B 110 9.00 15.24 25.49
CA ALA B 110 9.41 15.92 26.73
C ALA B 110 9.06 15.11 27.96
N ALA B 111 7.95 14.38 27.91
CA ALA B 111 7.58 13.40 28.92
C ALA B 111 8.38 12.09 28.82
N GLY B 112 9.30 11.97 27.85
CA GLY B 112 10.18 10.81 27.73
C GLY B 112 9.73 9.72 26.78
N ALA B 113 8.56 9.85 26.15
CA ALA B 113 8.06 8.83 25.24
C ALA B 113 9.01 8.64 24.06
N VAL B 114 8.97 7.42 23.52
CA VAL B 114 9.86 6.99 22.45
C VAL B 114 9.00 6.58 21.28
N PHE B 115 9.23 7.20 20.12
CA PHE B 115 8.35 7.02 18.96
C PHE B 115 8.97 6.00 18.01
N LEU B 116 8.29 4.87 17.84
CA LEU B 116 8.78 3.79 16.98
C LEU B 116 8.43 4.01 15.51
N GLY B 117 7.41 4.81 15.23
CA GLY B 117 6.98 5.06 13.87
C GLY B 117 5.59 5.65 13.87
N LYS B 118 4.92 5.48 12.71
CA LYS B 118 3.62 6.10 12.49
C LYS B 118 2.67 5.11 11.83
N THR B 119 1.38 5.39 12.01
CA THR B 119 0.32 4.45 11.70
C THR B 119 -0.53 4.94 10.54
N ASN B 120 -1.16 3.97 9.87
CA ASN B 120 -1.67 4.17 8.52
C ASN B 120 -2.92 5.05 8.52
N ILE B 121 -3.23 5.59 7.34
CA ILE B 121 -4.30 6.59 7.17
C ILE B 121 -4.93 6.42 5.78
N PRO B 122 -6.16 6.87 5.55
CA PRO B 122 -6.66 6.93 4.18
C PRO B 122 -6.18 8.19 3.50
N VAL B 123 -6.35 8.20 2.18
CA VAL B 123 -5.92 9.35 1.38
C VAL B 123 -6.69 10.58 1.84
N ALA B 124 -5.96 11.67 2.08
CA ALA B 124 -6.56 12.94 2.44
C ALA B 124 -7.24 12.89 3.79
N LEU B 125 -6.94 11.87 4.58
CA LEU B 125 -7.64 11.60 5.84
C LEU B 125 -9.15 11.57 5.68
N ALA B 126 -9.63 11.12 4.51
CA ALA B 126 -10.98 11.39 4.02
C ALA B 126 -11.85 10.14 3.94
N ASP B 127 -11.71 9.24 4.91
CA ASP B 127 -12.44 7.97 4.86
C ASP B 127 -12.44 7.35 6.24
N TRP B 128 -13.46 6.54 6.49
CA TRP B 128 -13.51 5.69 7.68
C TRP B 128 -12.83 4.35 7.42
N GLN B 129 -11.85 4.36 6.53
CA GLN B 129 -10.94 3.26 6.31
C GLN B 129 -9.53 3.83 6.29
N SER B 130 -8.55 2.94 6.26
CA SER B 130 -7.15 3.39 6.25
C SER B 130 -6.46 2.60 5.14
N SER B 131 -6.46 3.18 3.94
CA SER B 131 -5.84 2.61 2.76
C SER B 131 -5.38 3.75 1.86
N ASN B 132 -4.24 3.55 1.21
CA ASN B 132 -3.59 4.59 0.42
C ASN B 132 -2.50 3.93 -0.41
N PRO B 133 -2.04 4.62 -1.46
CA PRO B 133 -1.08 4.01 -2.38
C PRO B 133 0.35 3.96 -1.86
N ASN B 134 0.64 4.67 -0.78
CA ASN B 134 2.01 4.68 -0.27
C ASN B 134 2.31 3.45 0.57
N TYR B 135 1.30 3.00 1.32
CA TYR B 135 1.48 2.04 2.40
C TYR B 135 0.55 0.87 2.30
N GLY B 136 -0.50 0.94 1.51
CA GLY B 136 -1.49 -0.12 1.53
C GLY B 136 -2.60 0.10 2.54
N ARG B 137 -3.24 -1.00 2.91
CA ARG B 137 -4.51 -0.99 3.61
C ARG B 137 -4.34 -1.66 4.95
N THR B 138 -4.89 -1.03 6.00
CA THR B 138 -4.91 -1.58 7.36
C THR B 138 -6.19 -2.39 7.59
N ASN B 139 -6.03 -3.56 8.19
CA ASN B 139 -7.14 -4.47 8.40
C ASN B 139 -7.54 -4.51 9.88
N ASN B 140 -8.83 -4.66 10.13
CA ASN B 140 -9.33 -4.68 11.50
C ASN B 140 -8.84 -5.94 12.20
N PRO B 141 -8.11 -5.83 13.33
CA PRO B 141 -7.61 -7.04 13.98
C PRO B 141 -8.68 -8.00 14.46
N HIS B 142 -9.88 -7.50 14.75
CA HIS B 142 -10.98 -8.39 15.12
C HIS B 142 -11.57 -9.13 13.94
N ASP B 143 -11.48 -8.57 12.72
CA ASP B 143 -11.95 -9.25 11.52
C ASP B 143 -11.18 -8.65 10.35
N LEU B 144 -10.20 -9.38 9.84
CA LEU B 144 -9.35 -8.79 8.82
C LEU B 144 -10.10 -8.46 7.54
N THR B 145 -11.32 -8.96 7.36
CA THR B 145 -12.10 -8.65 6.18
C THR B 145 -12.80 -7.31 6.28
N ARG B 146 -12.59 -6.57 7.36
CA ARG B 146 -13.33 -5.36 7.65
C ARG B 146 -12.42 -4.16 7.90
N SER B 147 -12.96 -2.98 7.65
CA SER B 147 -12.20 -1.76 7.86
C SER B 147 -11.74 -1.62 9.31
N ALA B 148 -10.51 -1.11 9.46
CA ALA B 148 -9.97 -0.68 10.75
C ALA B 148 -10.51 0.66 11.18
N GLY B 149 -11.36 1.28 10.36
CA GLY B 149 -11.76 2.65 10.61
C GLY B 149 -10.78 3.64 10.00
N GLY B 150 -11.17 4.92 10.06
CA GLY B 150 -10.33 6.00 9.57
C GLY B 150 -10.83 7.31 10.13
N SER B 151 -10.00 8.34 10.01
CA SER B 151 -8.70 8.27 9.35
C SER B 151 -7.61 7.79 10.30
N SER B 152 -7.90 7.66 11.60
CA SER B 152 -6.93 7.12 12.57
C SER B 152 -7.05 5.60 12.72
N GLY B 153 -7.19 4.89 11.59
CA GLY B 153 -7.40 3.46 11.64
C GLY B 153 -6.15 2.68 11.97
N GLY B 154 -5.00 3.08 11.40
CA GLY B 154 -3.76 2.45 11.81
C GLY B 154 -3.56 2.47 13.31
N ALA B 155 -3.82 3.63 13.93
CA ALA B 155 -3.58 3.81 15.36
C ALA B 155 -4.46 2.88 16.19
N ALA B 156 -5.73 2.77 15.83
CA ALA B 156 -6.64 1.95 16.62
C ALA B 156 -6.33 0.48 16.45
N ALA B 157 -5.83 0.08 15.27
CA ALA B 157 -5.47 -1.32 15.02
C ALA B 157 -4.22 -1.73 15.79
N ALA B 158 -3.24 -0.84 15.84
CA ALA B 158 -2.02 -1.14 16.59
C ALA B 158 -2.32 -1.29 18.07
N LEU B 159 -3.19 -0.43 18.59
CA LEU B 159 -3.65 -0.54 19.97
C LEU B 159 -4.40 -1.86 20.19
N ALA B 160 -5.39 -2.13 19.34
CA ALA B 160 -6.23 -3.32 19.53
C ALA B 160 -5.42 -4.59 19.44
N ALA B 161 -4.40 -4.62 18.60
CA ALA B 161 -3.54 -5.78 18.48
C ALA B 161 -2.47 -5.83 19.53
N GLY B 162 -2.37 -4.83 20.41
CA GLY B 162 -1.40 -4.88 21.49
C GLY B 162 -0.01 -4.42 21.16
N MET B 163 0.20 -3.76 20.02
CA MET B 163 1.55 -3.48 19.57
C MET B 163 2.20 -2.41 20.43
N VAL B 164 1.54 -1.26 20.59
CA VAL B 164 1.98 -0.23 21.53
C VAL B 164 0.82 0.15 22.43
N PRO B 165 1.13 0.77 23.58
CA PRO B 165 0.10 1.13 24.56
C PRO B 165 -0.54 2.51 24.41
N LEU B 166 -0.11 3.33 23.46
CA LEU B 166 -0.59 4.70 23.37
C LEU B 166 -0.47 5.18 21.94
N GLU B 167 -1.33 6.13 21.57
CA GLU B 167 -1.35 6.70 20.24
C GLU B 167 -2.07 8.04 20.28
N TYR B 168 -2.00 8.77 19.17
CA TYR B 168 -2.59 10.10 19.08
C TYR B 168 -3.10 10.25 17.66
N GLY B 169 -4.39 10.62 17.55
CA GLY B 169 -5.05 10.71 16.27
C GLY B 169 -5.57 12.10 16.02
N SER B 170 -6.37 12.23 14.97
CA SER B 170 -6.99 13.50 14.61
C SER B 170 -8.39 13.19 14.11
N ASP B 171 -9.26 14.19 14.17
CA ASP B 171 -10.70 13.96 14.04
C ASP B 171 -11.33 15.22 13.49
N ILE B 172 -11.89 15.13 12.29
CA ILE B 172 -12.78 16.18 11.78
C ILE B 172 -14.08 15.62 11.24
N GLY B 173 -14.12 14.34 10.88
CA GLY B 173 -15.35 13.69 10.51
C GLY B 173 -15.48 12.41 11.30
N GLY B 174 -15.04 12.41 12.55
CA GLY B 174 -15.11 11.24 13.39
C GLY B 174 -13.88 10.39 13.37
N SER B 175 -12.74 10.92 12.93
CA SER B 175 -11.55 10.13 12.65
C SER B 175 -10.80 9.59 13.88
N ILE B 176 -11.14 10.03 15.08
CA ILE B 176 -10.67 9.36 16.29
C ILE B 176 -11.74 8.40 16.80
N ARG B 177 -12.99 8.84 16.82
CA ARG B 177 -14.01 8.04 17.47
C ARG B 177 -14.34 6.81 16.66
N VAL B 178 -14.47 6.95 15.35
CA VAL B 178 -14.85 5.78 14.53
C VAL B 178 -13.81 4.65 14.60
N PRO B 179 -12.51 4.91 14.42
CA PRO B 179 -11.56 3.77 14.49
C PRO B 179 -11.49 3.15 15.88
N ALA B 180 -11.56 3.97 16.92
CA ALA B 180 -11.64 3.41 18.28
C ALA B 180 -12.86 2.51 18.41
N HIS B 181 -14.00 2.94 17.89
CA HIS B 181 -15.22 2.14 17.95
C HIS B 181 -15.06 0.82 17.17
N PHE B 182 -14.54 0.89 15.94
CA PHE B 182 -14.46 -0.28 15.07
C PHE B 182 -13.53 -1.33 15.64
N CYS B 183 -12.42 -0.90 16.26
CA CYS B 183 -11.39 -1.79 16.78
C CYS B 183 -11.47 -1.97 18.30
N GLY B 184 -12.52 -1.49 18.94
CA GLY B 184 -12.70 -1.77 20.35
C GLY B 184 -11.62 -1.18 21.23
N VAL B 185 -11.21 0.05 20.98
CA VAL B 185 -10.25 0.73 21.83
C VAL B 185 -10.84 2.08 22.20
N TRP B 186 -10.07 2.85 22.95
CA TRP B 186 -10.53 4.11 23.52
C TRP B 186 -9.93 5.27 22.74
N GLY B 187 -10.77 6.22 22.34
CA GLY B 187 -10.32 7.34 21.54
C GLY B 187 -10.96 8.62 22.04
N LEU B 188 -10.18 9.66 22.30
CA LEU B 188 -10.73 10.92 22.81
C LEU B 188 -10.67 12.01 21.75
N LYS B 189 -11.83 12.34 21.22
CA LYS B 189 -11.97 13.61 20.51
C LYS B 189 -12.00 14.72 21.54
N THR B 190 -11.05 15.64 21.46
CA THR B 190 -10.89 16.68 22.48
C THR B 190 -11.69 17.94 22.17
N THR B 191 -11.89 18.77 23.22
CA THR B 191 -12.51 20.06 23.03
C THR B 191 -11.76 20.79 21.93
N PHE B 192 -12.54 21.40 21.03
CA PHE B 192 -11.95 22.17 19.96
C PHE B 192 -10.97 23.18 20.52
N ASP B 193 -9.80 23.24 19.91
CA ASP B 193 -8.76 24.22 20.23
C ASP B 193 -8.05 23.95 21.54
N ALA B 194 -8.31 22.82 22.21
CA ALA B 194 -7.63 22.51 23.47
C ALA B 194 -6.22 21.95 23.28
N VAL B 195 -5.92 21.38 22.13
CA VAL B 195 -4.61 20.81 21.82
C VAL B 195 -4.11 21.40 20.51
N SER B 196 -2.84 21.85 20.50
CA SER B 196 -2.25 22.44 19.31
C SER B 196 -2.24 21.46 18.15
N LEU B 197 -2.61 21.96 16.96
CA LEU B 197 -2.47 21.24 15.70
C LEU B 197 -1.21 21.63 14.94
N GLU B 198 -0.30 22.33 15.58
CA GLU B 198 0.98 22.66 14.96
C GLU B 198 1.75 21.38 14.70
N GLY B 199 2.04 21.11 13.44
CA GLY B 199 2.63 19.85 13.04
C GLY B 199 1.65 18.83 12.56
N HIS B 200 0.35 19.14 12.64
CA HIS B 200 -0.68 18.37 11.92
C HIS B 200 -1.04 19.22 10.70
N TYR B 201 -0.18 19.14 9.69
CA TYR B 201 -0.20 20.01 8.53
C TYR B 201 -0.45 19.24 7.25
N LEU B 202 -1.35 19.73 6.43
CA LEU B 202 -1.38 19.28 5.04
C LEU B 202 0.05 19.28 4.49
N PRO B 203 0.53 18.19 3.88
CA PRO B 203 1.95 18.12 3.54
C PRO B 203 2.45 19.33 2.74
N ARG B 204 3.62 19.79 3.12
CA ARG B 204 4.32 20.91 2.52
C ARG B 204 3.63 22.22 2.79
N THR B 205 2.63 22.25 3.68
CA THR B 205 2.12 23.52 4.21
C THR B 205 2.54 23.67 5.67
N ASP B 206 2.27 24.87 6.23
CA ASP B 206 2.62 25.14 7.61
C ASP B 206 1.80 26.27 8.19
N GLY B 207 0.49 26.21 8.03
CA GLY B 207 -0.37 27.37 8.29
C GLY B 207 -1.16 27.30 9.58
N ALA B 208 -2.34 27.94 9.56
CA ALA B 208 -3.26 27.94 10.68
C ALA B 208 -4.08 26.65 10.71
N ARG B 209 -4.47 26.26 11.91
CA ARG B 209 -5.44 25.18 12.05
C ARG B 209 -6.82 25.65 11.57
N GLY B 210 -7.56 24.74 10.93
CA GLY B 210 -8.88 25.08 10.42
C GLY B 210 -9.91 24.95 11.53
N GLU B 211 -11.15 25.32 11.21
CA GLU B 211 -12.24 25.03 12.13
C GLU B 211 -12.44 23.53 12.25
N LEU B 212 -13.28 23.14 13.21
CA LEU B 212 -13.78 21.79 13.38
C LEU B 212 -12.75 20.78 13.90
N GLY B 213 -11.55 20.71 13.31
CA GLY B 213 -10.68 19.58 13.52
C GLY B 213 -9.91 19.66 14.83
N VAL B 214 -9.67 18.47 15.41
CA VAL B 214 -8.92 18.36 16.66
C VAL B 214 -7.97 17.19 16.60
N VAL B 215 -7.00 17.19 17.52
CA VAL B 215 -6.18 16.01 17.78
C VAL B 215 -6.49 15.53 19.19
N GLY B 216 -6.34 14.21 19.40
CA GLY B 216 -6.54 13.64 20.72
C GLY B 216 -5.96 12.25 20.89
N PRO B 217 -5.80 11.84 22.12
CA PRO B 217 -5.14 10.57 22.39
C PRO B 217 -6.04 9.37 22.16
N MET B 218 -5.39 8.23 22.11
CA MET B 218 -6.04 6.96 21.83
C MET B 218 -5.24 5.93 22.62
N ALA B 219 -5.94 5.00 23.24
CA ALA B 219 -5.28 4.06 24.14
C ALA B 219 -6.22 2.90 24.37
N ARG B 220 -5.78 1.97 25.23
CA ARG B 220 -6.60 0.81 25.57
C ARG B 220 -7.36 1.03 26.87
N ASN B 221 -7.12 2.13 27.57
CA ASN B 221 -7.78 2.37 28.85
C ASN B 221 -7.88 3.87 29.06
N PRO B 222 -8.78 4.29 29.96
CA PRO B 222 -8.96 5.74 30.20
C PRO B 222 -7.83 6.39 30.97
N GLN B 223 -7.16 5.67 31.88
CA GLN B 223 -6.04 6.25 32.63
C GLN B 223 -4.93 6.75 31.70
N ASP B 224 -4.59 5.98 30.67
CA ASP B 224 -3.58 6.45 29.72
C ASP B 224 -4.09 7.67 28.96
N LEU B 225 -5.39 7.72 28.64
CA LEU B 225 -5.88 8.86 27.89
C LEU B 225 -5.75 10.12 28.72
N ALA B 226 -6.07 10.04 30.01
CA ALA B 226 -6.05 11.23 30.85
C ALA B 226 -4.64 11.73 31.04
N LEU B 227 -3.66 10.84 31.09
CA LEU B 227 -2.27 11.28 31.16
C LEU B 227 -1.87 11.98 29.87
N ALA B 228 -2.08 11.32 28.74
CA ALA B 228 -1.66 11.87 27.47
C ALA B 228 -2.31 13.21 27.21
N LEU B 229 -3.55 13.38 27.67
CA LEU B 229 -4.23 14.66 27.55
C LEU B 229 -3.49 15.74 28.33
N ASP B 230 -3.21 15.47 29.61
CA ASP B 230 -2.48 16.42 30.43
C ASP B 230 -1.08 16.68 29.89
N LEU B 231 -0.48 15.72 29.19
CA LEU B 231 0.87 15.96 28.70
C LEU B 231 0.86 16.84 27.46
N THR B 232 -0.28 16.94 26.79
CA THR B 232 -0.36 17.57 25.48
C THR B 232 -1.30 18.78 25.35
N SER B 233 -2.19 19.06 26.31
CA SER B 233 -3.12 20.18 26.13
C SER B 233 -2.36 21.49 26.24
N ARG B 234 -2.83 22.53 25.55
CA ARG B 234 -1.93 23.69 25.50
C ARG B 234 -1.83 24.34 26.87
N ILE B 235 -2.89 24.28 27.69
CA ILE B 235 -2.81 24.52 29.11
C ILE B 235 -3.54 23.40 29.84
N ALA B 236 -3.41 23.41 31.16
CA ALA B 236 -4.00 22.39 32.01
C ALA B 236 -5.51 22.51 32.02
N LEU B 237 -6.19 21.42 31.74
CA LEU B 237 -7.65 21.44 31.64
C LEU B 237 -8.31 21.19 33.00
N PRO B 238 -9.57 21.59 33.13
CA PRO B 238 -10.30 21.31 34.38
C PRO B 238 -10.34 19.83 34.70
N ILE B 239 -10.03 19.50 35.96
CA ILE B 239 -9.85 18.12 36.39
C ILE B 239 -11.24 17.49 36.44
N ALA B 240 -11.31 16.17 36.53
CA ALA B 240 -12.61 15.52 36.54
C ALA B 240 -13.43 15.95 37.76
N ARG B 241 -14.65 16.45 37.49
CA ARG B 241 -15.60 16.78 38.55
C ARG B 241 -16.22 15.52 39.18
N ILE B 242 -16.34 14.43 38.42
CA ILE B 242 -17.21 13.30 38.78
C ILE B 242 -16.40 12.19 39.48
N ASP B 243 -16.96 11.64 40.56
CA ASP B 243 -16.37 10.50 41.24
C ASP B 243 -17.28 9.29 41.30
N THR B 244 -18.52 9.39 40.80
CA THR B 244 -19.46 8.29 40.91
C THR B 244 -20.59 8.49 39.90
N LEU B 245 -21.18 7.38 39.48
CA LEU B 245 -22.29 7.42 38.54
C LEU B 245 -23.59 7.81 39.22
N ASN B 246 -23.58 7.89 40.55
CA ASN B 246 -24.82 8.12 41.29
C ASN B 246 -25.17 9.59 41.19
N GLY B 247 -26.37 9.88 40.68
CA GLY B 247 -26.79 11.24 40.43
C GLY B 247 -26.42 11.79 39.07
N LEU B 248 -25.53 11.10 38.36
CA LEU B 248 -25.07 11.55 37.05
C LEU B 248 -26.24 11.70 36.10
N ARG B 249 -26.25 12.82 35.38
CA ARG B 249 -27.35 13.17 34.50
C ARG B 249 -26.96 12.84 33.07
N ILE B 250 -27.53 11.77 32.55
CA ILE B 250 -27.22 11.25 31.23
C ILE B 250 -28.39 11.50 30.30
N LEU B 251 -28.13 12.16 29.16
CA LEU B 251 -29.06 12.20 28.04
C LEU B 251 -28.71 11.07 27.05
N LEU B 252 -29.57 10.05 26.98
CA LEU B 252 -29.41 8.92 26.07
C LEU B 252 -30.10 9.20 24.74
N LEU B 253 -29.34 9.22 23.64
CA LEU B 253 -29.90 9.41 22.31
C LEU B 253 -29.54 8.23 21.42
N THR B 254 -30.51 7.35 21.17
CA THR B 254 -30.29 6.20 20.30
C THR B 254 -30.89 6.38 18.93
N HIS B 255 -31.50 7.54 18.66
CA HIS B 255 -32.12 7.84 17.38
C HIS B 255 -31.54 9.15 16.88
N HIS B 256 -31.35 9.25 15.57
CA HIS B 256 -30.95 10.50 14.96
C HIS B 256 -31.89 10.73 13.78
N PRO B 257 -32.53 11.91 13.66
CA PRO B 257 -33.38 12.15 12.49
C PRO B 257 -32.70 11.96 11.13
N ARG B 258 -31.36 11.96 11.10
CA ARG B 258 -30.63 11.96 9.83
C ARG B 258 -29.75 10.73 9.65
N ALA B 259 -29.89 9.71 10.49
CA ALA B 259 -29.09 8.52 10.27
C ALA B 259 -29.64 7.37 11.09
N ALA B 260 -29.70 6.20 10.47
CA ALA B 260 -30.11 5.01 11.18
C ALA B 260 -29.00 4.49 12.11
N ALA B 261 -29.37 3.53 12.95
CA ALA B 261 -28.43 2.79 13.77
C ALA B 261 -28.88 1.33 13.81
N ASP B 262 -27.93 0.40 13.72
CA ASP B 262 -28.31 -1.00 13.77
C ASP B 262 -28.88 -1.36 15.13
N SER B 263 -29.77 -2.35 15.14
CA SER B 263 -30.40 -2.78 16.40
C SER B 263 -29.35 -3.21 17.42
N ALA B 264 -28.25 -3.82 16.98
CA ALA B 264 -27.22 -4.27 17.90
C ALA B 264 -26.53 -3.11 18.57
N VAL B 265 -26.26 -2.06 17.79
CA VAL B 265 -25.63 -0.86 18.30
C VAL B 265 -26.52 -0.19 19.33
N VAL B 266 -27.80 0.01 18.97
CA VAL B 266 -28.72 0.70 19.86
C VAL B 266 -28.82 -0.05 21.17
N ALA B 267 -28.83 -1.40 21.08
CA ALA B 267 -28.84 -2.24 22.27
C ALA B 267 -27.61 -2.02 23.15
N ALA B 268 -26.42 -1.99 22.55
CA ALA B 268 -25.20 -1.85 23.35
C ALA B 268 -25.16 -0.53 24.08
N VAL B 269 -25.60 0.53 23.41
CA VAL B 269 -25.65 1.87 24.04
C VAL B 269 -26.73 1.91 25.10
N GLU B 270 -27.90 1.34 24.81
CA GLU B 270 -28.96 1.24 25.81
C GLU B 270 -28.44 0.55 27.08
N LYS B 271 -27.62 -0.50 26.92
CA LYS B 271 -27.19 -1.29 28.08
C LYS B 271 -26.10 -0.59 28.90
N ALA B 272 -25.20 0.14 28.26
CA ALA B 272 -24.29 1.02 29.03
C ALA B 272 -25.10 2.02 29.84
N ALA B 273 -26.15 2.57 29.25
CA ALA B 273 -26.96 3.54 29.97
C ALA B 273 -27.76 2.88 31.09
N GLU B 274 -28.31 1.66 30.87
CA GLU B 274 -28.99 0.97 31.96
C GLU B 274 -28.01 0.59 33.07
N SER B 275 -26.79 0.21 32.70
CA SER B 275 -25.76 -0.14 33.69
C SER B 275 -25.54 1.00 34.65
N CYS B 276 -25.38 2.22 34.13
CA CYS B 276 -25.20 3.36 35.00
C CYS B 276 -26.45 3.60 35.88
N ALA B 277 -27.64 3.49 35.31
CA ALA B 277 -28.87 3.66 36.09
C ALA B 277 -28.81 2.81 37.35
N ALA B 278 -28.30 1.59 37.22
CA ALA B 278 -28.19 0.66 38.34
C ALA B 278 -27.14 1.10 39.35
N GLN B 279 -26.27 2.04 38.98
CA GLN B 279 -25.38 2.70 39.92
C GLN B 279 -25.94 4.04 40.39
N GLY B 280 -27.18 4.37 39.99
CA GLY B 280 -27.83 5.60 40.43
C GLY B 280 -27.85 6.73 39.43
N ALA B 281 -27.37 6.52 38.21
CA ALA B 281 -27.45 7.57 37.20
C ALA B 281 -28.91 7.83 36.85
N GLN B 282 -29.24 9.10 36.62
CA GLN B 282 -30.57 9.52 36.19
C GLN B 282 -30.48 9.70 34.68
N VAL B 283 -31.15 8.80 33.97
CA VAL B 283 -31.10 8.69 32.53
C VAL B 283 -32.37 9.24 31.93
N SER B 284 -32.24 10.27 31.09
CA SER B 284 -33.35 10.84 30.34
C SER B 284 -33.18 10.56 28.84
N THR B 285 -34.28 10.60 28.11
CA THR B 285 -34.33 10.13 26.74
C THR B 285 -34.60 11.21 25.72
N SER B 286 -34.89 12.42 26.18
CA SER B 286 -35.26 13.55 25.34
C SER B 286 -35.18 14.79 26.20
N ASN B 287 -34.87 15.92 25.57
CA ASN B 287 -34.94 17.17 26.29
C ASN B 287 -35.40 18.24 25.34
N ALA B 288 -36.11 19.23 25.89
CA ALA B 288 -36.60 20.32 25.07
C ALA B 288 -35.47 21.20 24.57
N ASP B 289 -34.38 21.29 25.33
CA ASP B 289 -33.22 22.13 25.01
C ASP B 289 -32.21 21.44 24.09
N LEU B 290 -32.49 20.22 23.66
CA LEU B 290 -31.60 19.55 22.74
C LEU B 290 -31.66 20.26 21.39
N PRO B 291 -30.54 20.75 20.86
CA PRO B 291 -30.62 21.46 19.59
C PRO B 291 -31.18 20.60 18.48
N ASP B 292 -31.83 21.25 17.53
CA ASP B 292 -32.30 20.60 16.31
C ASP B 292 -31.14 19.91 15.65
N LEU B 293 -31.13 18.58 15.66
CA LEU B 293 -29.98 17.82 15.20
C LEU B 293 -29.92 17.71 13.69
N SER B 294 -31.03 17.89 12.99
CA SER B 294 -30.98 17.84 11.53
C SER B 294 -30.37 19.12 10.96
N LYS B 295 -30.81 20.30 11.43
CA LYS B 295 -30.16 21.53 11.01
C LYS B 295 -28.68 21.45 11.29
N LEU B 296 -28.30 20.94 12.47
CA LEU B 296 -26.89 20.86 12.84
C LEU B 296 -26.10 20.01 11.86
N VAL B 297 -26.67 18.89 11.40
CA VAL B 297 -25.96 18.07 10.45
C VAL B 297 -25.76 18.83 9.14
N SER B 298 -26.80 19.54 8.70
CA SER B 298 -26.68 20.34 7.48
C SER B 298 -25.68 21.48 7.67
N ASP B 299 -25.78 22.22 8.77
CA ASP B 299 -24.83 23.28 9.05
C ASP B 299 -23.39 22.76 9.08
N TYR B 300 -23.18 21.63 9.76
CA TYR B 300 -21.85 21.03 9.87
C TYR B 300 -21.31 20.61 8.51
N THR B 301 -22.11 19.90 7.73
CA THR B 301 -21.64 19.51 6.40
C THR B 301 -21.28 20.72 5.56
N ARG B 302 -22.14 21.75 5.55
CA ARG B 302 -21.81 22.97 4.82
C ARG B 302 -20.41 23.43 5.17
N MET B 303 -20.14 23.59 6.46
CA MET B 303 -18.86 24.12 6.88
C MET B 303 -17.74 23.13 6.60
N LEU B 304 -17.96 21.84 6.83
CA LEU B 304 -16.91 20.85 6.59
C LEU B 304 -16.41 20.92 5.15
N LEU B 305 -17.33 20.96 4.18
CA LEU B 305 -16.93 21.01 2.78
C LEU B 305 -16.04 22.22 2.52
N ILE B 306 -16.43 23.38 3.05
CA ILE B 306 -15.69 24.61 2.77
C ILE B 306 -14.30 24.57 3.40
N VAL B 307 -14.23 24.11 4.66
CA VAL B 307 -12.94 23.92 5.34
C VAL B 307 -12.01 22.99 4.54
N LEU B 308 -12.51 21.81 4.14
CA LEU B 308 -11.66 20.91 3.37
C LEU B 308 -11.31 21.46 2.01
N ALA B 309 -12.15 22.30 1.42
CA ALA B 309 -11.85 22.88 0.12
C ALA B 309 -11.02 24.15 0.24
N GLN B 310 -10.68 24.55 1.47
CA GLN B 310 -10.00 25.81 1.75
C GLN B 310 -10.71 26.98 1.08
N GLY B 311 -12.04 26.90 1.01
CA GLY B 311 -12.80 28.02 0.50
C GLY B 311 -12.77 28.17 -1.00
N LYS B 312 -12.16 27.23 -1.71
CA LYS B 312 -12.13 27.24 -3.15
C LYS B 312 -13.35 26.52 -3.70
N ALA B 313 -13.78 26.94 -4.89
CA ALA B 313 -14.92 26.34 -5.58
C ALA B 313 -14.46 25.74 -6.90
N PRO B 314 -15.26 24.85 -7.48
CA PRO B 314 -14.97 24.38 -8.83
C PRO B 314 -14.94 25.55 -9.81
N GLU B 315 -14.35 25.29 -10.97
CA GLU B 315 -14.65 26.14 -12.11
C GLU B 315 -16.16 26.18 -12.32
N GLY B 316 -16.67 27.34 -12.72
CA GLY B 316 -18.08 27.50 -12.98
C GLY B 316 -18.97 27.63 -11.77
N THR B 317 -18.54 27.10 -10.63
CA THR B 317 -19.25 27.40 -9.40
C THR B 317 -18.59 28.58 -8.69
N GLU B 318 -19.43 29.33 -7.96
CA GLU B 318 -19.04 30.60 -7.38
C GLU B 318 -18.71 30.42 -5.91
N PRO B 319 -17.53 30.82 -5.47
CA PRO B 319 -17.11 30.50 -4.10
C PRO B 319 -17.99 31.19 -3.07
N VAL B 320 -17.88 30.71 -1.84
CA VAL B 320 -18.51 31.37 -0.69
C VAL B 320 -17.75 32.66 -0.42
N SER B 321 -18.50 33.71 -0.10
CA SER B 321 -17.87 34.97 0.25
C SER B 321 -17.30 34.92 1.67
N LEU B 322 -16.40 35.86 1.95
CA LEU B 322 -15.86 35.99 3.30
C LEU B 322 -16.97 36.40 4.28
N ASN B 323 -17.82 37.36 3.91
CA ASN B 323 -18.89 37.78 4.82
C ASN B 323 -19.88 36.65 5.06
N ALA B 324 -20.17 35.87 4.02
CA ALA B 324 -20.94 34.64 4.17
C ALA B 324 -20.31 33.68 5.18
N TRP B 325 -19.00 33.44 5.03
CA TRP B 325 -18.28 32.59 5.96
C TRP B 325 -18.44 33.08 7.39
N TYR B 326 -18.21 34.38 7.61
CA TYR B 326 -18.40 34.94 8.93
C TYR B 326 -19.79 34.62 9.45
N GLY B 327 -20.79 34.68 8.56
CA GLY B 327 -22.15 34.35 8.96
C GLY B 327 -22.28 32.90 9.39
N MET B 328 -21.59 32.00 8.68
CA MET B 328 -21.58 30.60 9.10
C MET B 328 -21.00 30.43 10.49
N LEU B 329 -19.92 31.16 10.80
CA LEU B 329 -19.36 31.07 12.15
C LEU B 329 -20.35 31.60 13.19
N ASP B 330 -21.14 32.62 12.85
CA ASP B 330 -22.20 33.09 13.74
C ASP B 330 -23.19 31.96 14.04
N ASP B 331 -23.71 31.29 12.99
CA ASP B 331 -24.60 30.15 13.17
C ASP B 331 -23.98 29.12 14.10
N GLN B 332 -22.73 28.74 13.81
CA GLN B 332 -22.05 27.77 14.66
C GLN B 332 -22.07 28.21 16.11
N ALA B 333 -21.79 29.49 16.37
CA ALA B 333 -21.77 29.96 17.74
C ALA B 333 -23.15 29.89 18.36
N ARG B 334 -24.19 30.25 17.60
CA ARG B 334 -25.57 30.11 18.10
C ARG B 334 -25.85 28.64 18.48
N THR B 335 -25.47 27.71 17.62
CA THR B 335 -25.72 26.30 17.94
C THR B 335 -24.94 25.87 19.18
N ILE B 336 -23.71 26.34 19.32
CA ILE B 336 -22.92 25.97 20.48
C ILE B 336 -23.59 26.44 21.75
N ARG B 337 -24.16 27.65 21.73
CA ARG B 337 -24.87 28.15 22.90
C ARG B 337 -26.07 27.26 23.24
N GLY B 338 -26.65 26.61 22.23
CA GLY B 338 -27.71 25.66 22.49
C GLY B 338 -27.23 24.49 23.32
N PHE B 339 -26.04 23.99 23.02
CA PHE B 339 -25.50 22.92 23.84
C PHE B 339 -25.08 23.41 25.22
N ASP B 340 -24.73 24.68 25.39
CA ASP B 340 -24.46 25.18 26.74
C ASP B 340 -25.72 25.10 27.60
N ARG B 341 -26.88 25.45 27.03
CA ARG B 341 -28.13 25.30 27.76
C ARG B 341 -28.39 23.84 28.11
N LEU B 342 -28.26 22.97 27.11
CA LEU B 342 -28.50 21.56 27.34
C LEU B 342 -27.66 21.04 28.50
N PHE B 343 -26.39 21.44 28.57
CA PHE B 343 -25.48 20.86 29.56
C PHE B 343 -25.65 21.43 30.96
N ASP B 344 -26.44 22.48 31.11
CA ASP B 344 -26.97 22.84 32.42
C ASP B 344 -27.82 21.72 32.99
N SER B 345 -28.53 20.98 32.13
CA SER B 345 -29.40 19.88 32.55
C SER B 345 -28.72 18.51 32.56
N PHE B 346 -27.64 18.34 31.80
CA PHE B 346 -27.02 17.03 31.71
C PHE B 346 -25.52 17.12 31.91
N ASP B 347 -24.99 16.05 32.48
CA ASP B 347 -23.55 15.89 32.59
C ASP B 347 -22.99 15.28 31.33
N ALA B 348 -23.74 14.40 30.67
CA ALA B 348 -23.19 13.77 29.48
C ALA B 348 -24.30 13.27 28.59
N ILE B 349 -24.00 13.22 27.30
CA ILE B 349 -24.83 12.56 26.31
C ILE B 349 -24.21 11.22 25.97
N PHE B 350 -24.97 10.14 26.13
CA PHE B 350 -24.61 8.79 25.69
C PHE B 350 -25.29 8.51 24.35
N CYS B 351 -24.51 8.17 23.32
CA CYS B 351 -25.10 7.90 22.02
C CYS B 351 -24.12 7.10 21.16
N PRO B 352 -24.57 6.62 20.00
CA PRO B 352 -23.69 5.85 19.13
C PRO B 352 -22.56 6.67 18.56
N VAL B 353 -21.44 5.99 18.31
CA VAL B 353 -20.35 6.59 17.54
C VAL B 353 -20.66 6.54 16.06
N LEU B 354 -21.15 5.37 15.61
CA LEU B 354 -21.67 5.19 14.28
C LEU B 354 -22.79 4.15 14.37
N GLY B 355 -23.62 4.14 13.31
CA GLY B 355 -24.77 3.26 13.27
C GLY B 355 -24.47 1.81 12.96
N THR B 356 -23.24 1.48 12.54
CA THR B 356 -22.84 0.10 12.34
C THR B 356 -21.45 -0.11 12.93
N SER B 357 -21.13 -1.36 13.25
CA SER B 357 -19.77 -1.75 13.57
C SER B 357 -18.95 -1.81 12.27
N ALA B 358 -17.71 -2.31 12.37
CA ALA B 358 -16.78 -2.22 11.25
C ALA B 358 -17.32 -2.95 10.03
N PHE B 359 -17.38 -2.24 8.91
CA PHE B 359 -17.98 -2.75 7.69
C PHE B 359 -16.94 -3.37 6.78
N PRO B 360 -17.35 -4.17 5.80
CA PRO B 360 -16.38 -4.78 4.89
C PRO B 360 -15.65 -3.75 4.05
N HIS B 361 -14.42 -4.09 3.68
CA HIS B 361 -13.57 -3.16 2.94
C HIS B 361 -14.29 -2.76 1.68
N SER B 362 -14.09 -1.50 1.28
CA SER B 362 -14.74 -0.94 0.10
C SER B 362 -13.73 -0.23 -0.79
N ASP B 363 -13.66 -0.65 -2.04
CA ASP B 363 -12.80 -0.02 -3.03
C ASP B 363 -13.44 1.18 -3.69
N GLU B 364 -14.66 1.52 -3.32
CA GLU B 364 -15.41 2.59 -3.95
C GLU B 364 -15.05 3.89 -3.25
N ALA B 365 -14.49 4.84 -4.00
CA ALA B 365 -14.04 6.08 -3.38
C ALA B 365 -15.16 7.09 -3.17
N ASP B 366 -16.20 7.03 -4.02
CA ASP B 366 -17.39 7.89 -3.90
C ASP B 366 -18.27 7.35 -2.78
N TRP B 367 -18.47 8.14 -1.72
CA TRP B 367 -19.34 7.73 -0.63
C TRP B 367 -20.81 7.65 -1.05
N GLY B 368 -21.18 8.33 -2.13
CA GLY B 368 -22.56 8.28 -2.59
C GLY B 368 -22.92 6.97 -3.24
N LYS B 369 -21.94 6.24 -3.74
CA LYS B 369 -22.14 4.89 -4.28
C LYS B 369 -21.85 3.80 -3.24
N ARG B 370 -21.82 4.14 -1.96
CA ARG B 370 -21.57 3.20 -0.88
C ARG B 370 -22.83 3.03 -0.03
N THR B 371 -23.08 1.81 0.42
CA THR B 371 -24.16 1.58 1.37
C THR B 371 -23.61 0.93 2.64
N LEU B 372 -24.48 0.94 3.65
CA LEU B 372 -24.26 0.31 4.94
C LEU B 372 -25.47 -0.54 5.26
N THR B 373 -25.24 -1.76 5.73
CA THR B 373 -26.34 -2.65 6.08
C THR B 373 -26.70 -2.45 7.54
N ILE B 374 -27.92 -1.99 7.77
CA ILE B 374 -28.44 -1.65 9.08
C ILE B 374 -29.78 -2.35 9.21
N ASP B 375 -29.87 -3.31 10.12
CA ASP B 375 -31.07 -4.13 10.31
C ASP B 375 -31.55 -4.75 9.00
N GLY B 376 -30.60 -5.21 8.19
CA GLY B 376 -30.89 -6.05 7.05
C GLY B 376 -31.29 -5.32 5.79
N ALA B 377 -31.30 -4.00 5.79
CA ALA B 377 -31.61 -3.19 4.62
C ALA B 377 -30.41 -2.33 4.24
N ASP B 378 -30.29 -2.08 2.93
CA ASP B 378 -29.25 -1.20 2.43
C ASP B 378 -29.62 0.24 2.77
N THR B 379 -28.67 0.97 3.33
CA THR B 379 -28.84 2.37 3.70
C THR B 379 -27.64 3.21 3.25
N PRO B 380 -27.81 4.53 3.21
CA PRO B 380 -26.75 5.38 2.67
C PRO B 380 -25.56 5.52 3.62
N PHE B 381 -24.38 5.36 3.04
CA PHE B 381 -23.15 5.37 3.82
C PHE B 381 -22.95 6.72 4.49
N GLY B 382 -23.12 7.79 3.73
CA GLY B 382 -22.74 9.10 4.20
C GLY B 382 -23.60 9.63 5.32
N SER B 383 -24.85 9.15 5.41
CA SER B 383 -25.77 9.65 6.44
C SER B 383 -25.22 9.48 7.85
N GLN B 384 -24.27 8.56 8.05
CA GLN B 384 -23.75 8.24 9.37
C GLN B 384 -22.90 9.37 9.94
N LEU B 385 -22.52 10.35 9.11
CA LEU B 385 -21.81 11.50 9.62
C LEU B 385 -22.58 12.17 10.73
N ALA B 386 -23.89 11.92 10.80
CA ALA B 386 -24.74 12.59 11.77
C ALA B 386 -24.29 12.32 13.18
N TRP B 387 -23.88 11.08 13.46
CA TRP B 387 -23.60 10.72 14.84
C TRP B 387 -22.39 11.46 15.38
N ILE B 388 -21.41 11.78 14.54
CA ILE B 388 -20.22 12.48 15.03
C ILE B 388 -20.29 14.00 14.83
N SER B 389 -21.40 14.50 14.30
CA SER B 389 -21.49 15.92 13.91
C SER B 389 -21.57 16.82 15.12
N MET B 390 -22.21 16.38 16.19
CA MET B 390 -22.48 17.27 17.31
C MET B 390 -21.21 17.73 17.99
N ALA B 391 -20.35 16.79 18.37
CA ALA B 391 -19.14 17.17 19.11
C ALA B 391 -18.17 17.92 18.20
N THR B 392 -18.08 17.55 16.91
CA THR B 392 -17.19 18.29 16.02
C THR B 392 -17.68 19.71 15.78
N TYR B 393 -18.93 19.84 15.31
CA TYR B 393 -19.44 21.15 14.96
C TYR B 393 -19.43 22.10 16.15
N CYS B 394 -19.87 21.64 17.32
CA CYS B 394 -20.05 22.53 18.46
C CYS B 394 -18.87 22.53 19.42
N GLY B 395 -17.90 21.64 19.22
CA GLY B 395 -16.64 21.69 19.93
C GLY B 395 -16.51 20.76 21.11
N MET B 396 -17.60 20.16 21.59
CA MET B 396 -17.56 19.33 22.77
C MET B 396 -16.49 18.25 22.69
N PRO B 397 -15.94 17.81 23.81
CA PRO B 397 -15.17 16.57 23.82
C PRO B 397 -16.08 15.37 23.76
N ALA B 398 -15.59 14.33 23.13
CA ALA B 398 -16.41 13.15 22.89
C ALA B 398 -15.51 11.93 22.97
N LEU B 399 -15.76 11.07 23.95
CA LEU B 399 -15.05 9.80 24.08
C LEU B 399 -15.75 8.69 23.32
N SER B 400 -14.93 7.83 22.68
CA SER B 400 -15.37 6.54 22.18
C SER B 400 -14.75 5.45 23.04
N MET B 401 -15.58 4.61 23.65
CA MET B 401 -15.10 3.54 24.51
C MET B 401 -15.81 2.25 24.16
N PRO B 402 -15.15 1.11 24.35
CA PRO B 402 -15.75 -0.15 23.96
C PRO B 402 -16.78 -0.55 25.00
N VAL B 403 -17.98 -0.92 24.53
CA VAL B 403 -19.05 -1.36 25.42
C VAL B 403 -19.63 -2.71 25.02
N GLY B 404 -19.16 -3.30 23.93
CA GLY B 404 -19.54 -4.67 23.63
C GLY B 404 -19.29 -5.04 22.18
N THR B 405 -19.76 -6.23 21.80
CA THR B 405 -19.52 -6.76 20.47
C THR B 405 -20.82 -7.29 19.86
N ASP B 406 -20.93 -7.17 18.53
CA ASP B 406 -22.16 -7.55 17.85
C ASP B 406 -22.21 -9.07 17.71
N ALA B 407 -23.15 -9.58 16.91
CA ALA B 407 -23.29 -11.02 16.76
C ALA B 407 -22.15 -11.67 15.99
N ASN B 408 -21.34 -10.87 15.28
CA ASN B 408 -20.18 -11.34 14.53
C ASN B 408 -18.87 -11.17 15.27
N GLY B 409 -18.89 -10.68 16.51
CA GLY B 409 -17.68 -10.41 17.25
C GLY B 409 -17.05 -9.06 16.99
N LEU B 410 -17.74 -8.19 16.28
CA LEU B 410 -17.16 -6.90 15.94
C LEU B 410 -17.39 -5.92 17.07
N PRO B 411 -16.37 -5.18 17.46
CA PRO B 411 -16.53 -4.23 18.56
C PRO B 411 -17.64 -3.23 18.30
N ILE B 412 -18.25 -2.77 19.40
CA ILE B 412 -19.18 -1.65 19.39
C ILE B 412 -18.77 -0.69 20.48
N GLY B 413 -18.48 0.54 20.10
CA GLY B 413 -18.16 1.60 21.04
C GLY B 413 -19.35 2.48 21.35
N LEU B 414 -19.25 3.15 22.49
CA LEU B 414 -20.22 4.13 22.96
C LEU B 414 -19.63 5.51 22.85
N GLN B 415 -20.43 6.50 22.46
CA GLN B 415 -19.96 7.89 22.41
C GLN B 415 -20.49 8.63 23.64
N ILE B 416 -19.57 9.23 24.39
CA ILE B 416 -19.89 10.00 25.59
C ILE B 416 -19.45 11.43 25.31
N ILE B 417 -20.40 12.36 25.35
CA ILE B 417 -20.15 13.76 25.05
C ILE B 417 -20.39 14.55 26.32
N THR B 418 -19.42 15.35 26.69
CA THR B 418 -19.54 16.24 27.83
C THR B 418 -19.33 17.67 27.34
N ARG B 419 -19.59 18.61 28.24
CA ARG B 419 -19.56 20.02 27.87
C ARG B 419 -18.14 20.45 27.45
N ASN B 420 -18.07 21.53 26.68
CA ASN B 420 -16.78 22.03 26.25
C ASN B 420 -15.85 22.26 27.45
N TRP B 421 -14.59 21.80 27.31
CA TRP B 421 -13.45 21.89 28.25
C TRP B 421 -13.50 20.82 29.35
N SER B 422 -14.52 19.97 29.40
CA SER B 422 -14.63 18.93 30.43
C SER B 422 -14.09 17.61 29.93
N ASP B 423 -12.99 17.66 29.17
CA ASP B 423 -12.46 16.45 28.55
C ASP B 423 -12.21 15.38 29.59
N HIS B 424 -11.77 15.78 30.78
CA HIS B 424 -11.45 14.80 31.81
C HIS B 424 -12.69 14.10 32.36
N ASP B 425 -13.83 14.80 32.39
CA ASP B 425 -15.08 14.17 32.81
C ASP B 425 -15.59 13.19 31.77
N ALA B 426 -15.37 13.47 30.49
CA ALA B 426 -15.72 12.48 29.49
C ALA B 426 -14.95 11.19 29.73
N VAL B 427 -13.64 11.33 29.92
CA VAL B 427 -12.78 10.17 30.15
C VAL B 427 -13.18 9.47 31.43
N ARG B 428 -13.46 10.25 32.48
CA ARG B 428 -13.77 9.67 33.79
C ARG B 428 -15.13 8.99 33.76
N ILE B 429 -16.14 9.61 33.14
CA ILE B 429 -17.44 8.93 32.99
C ILE B 429 -17.27 7.67 32.16
N GLY B 430 -16.38 7.69 31.17
CA GLY B 430 -16.07 6.47 30.43
C GLY B 430 -15.48 5.40 31.34
N ALA B 431 -14.58 5.80 32.24
CA ALA B 431 -13.96 4.87 33.17
C ALA B 431 -14.99 4.24 34.08
N LEU B 432 -15.95 5.06 34.56
CA LEU B 432 -17.01 4.58 35.45
C LEU B 432 -18.02 3.72 34.70
N VAL B 433 -18.32 4.07 33.44
CA VAL B 433 -19.17 3.20 32.61
C VAL B 433 -18.51 1.82 32.50
N ALA B 434 -17.18 1.79 32.41
CA ALA B 434 -16.47 0.53 32.30
C ALA B 434 -16.69 -0.33 33.54
N ASP B 435 -16.45 0.26 34.72
CA ASP B 435 -16.68 -0.48 35.97
C ASP B 435 -18.13 -0.91 36.08
N ALA B 436 -19.07 -0.04 35.68
CA ALA B 436 -20.49 -0.39 35.75
C ALA B 436 -20.77 -1.69 35.00
N LEU B 437 -20.21 -1.81 33.78
CA LEU B 437 -20.52 -2.99 32.97
C LEU B 437 -19.81 -4.25 33.47
N ALA B 438 -18.76 -4.11 34.28
CA ALA B 438 -18.16 -5.28 34.92
C ALA B 438 -18.96 -5.76 36.11
N ALA B 439 -19.74 -4.87 36.72
CA ALA B 439 -20.57 -5.21 37.88
C ALA B 439 -21.47 -6.42 37.66
#